data_9FKL
#
_entry.id   9FKL
#
_cell.length_a   169.014
_cell.length_b   80.526
_cell.length_c   79.074
_cell.angle_alpha   90.000
_cell.angle_beta   91.993
_cell.angle_gamma   90.000
#
_symmetry.space_group_name_H-M   'C 1 2 1'
#
loop_
_entity.id
_entity.type
_entity.pdbx_description
1 polymer Beta-xylanase
2 branched beta-D-xylopyranose-(1-4)-1-fluoro-D-xylopyranose
3 branched beta-D-xylopyranose-(1-4)-beta-D-xylopyranose-(1-4)-beta-D-xylopyranose-(1-4)-beta-D-xylopyranose-(1-4)-beta-D-xylopyranose-(1-4)-1-fluoro-D-xylopyranose
4 water water
#
_entity_poly.entity_id   1
_entity_poly.type   'polypeptide(L)'
_entity_poly.pdbx_seq_one_letter_code
;MNSSLPSLRDVFANDFRIGAAVNPVTIEMQKQLLIDHVNSITAENHMKFEHLQPEEGKFTFQEADRIVDFACSHRMAVRG
HTLVWHNQTPDWVFQDGQGHFVSRDVLLERMKCHISTVVRRYKGKIYCWDVINEAVADEGNELLRPSKWRQIIGDDFMEQ
AFLYAYEADPDALLFYNDYNECFPEKREKIFALVKSLRDKGIPIHGIGMQAHWSLTRPSLDEIRAAIERYASLGVVLHIT
GLDVSMFEFHDRRTDLAAPTSEMIERQAERYGQIFALFKEYRDVIQSVTFWGIADDHTWLDNFPVHGRKNWPLLFDEQHK
PKPAFWRAVSV
;
_entity_poly.pdbx_strand_id   A,B
#
loop_
_chem_comp.id
_chem_comp.type
_chem_comp.name
_chem_comp.formula
A1ID6 D-saccharide 1-fluoro-D-xylopyranose 'C5 H9 F O4'
XYP D-saccharide, beta linking beta-D-xylopyranose 'C5 H10 O5'
#
# COMPACT_ATOMS: atom_id res chain seq x y z
N SER A 3 -0.68 15.53 -1.07
CA SER A 3 -1.19 15.94 -2.39
C SER A 3 -1.20 14.78 -3.38
N SER A 4 -0.05 14.12 -3.55
CA SER A 4 -0.07 12.80 -4.18
C SER A 4 -0.51 11.71 -3.21
N LEU A 5 -0.81 12.06 -1.96
CA LEU A 5 -1.19 11.10 -0.93
C LEU A 5 -2.62 10.62 -1.12
N PRO A 6 -2.89 9.33 -1.06
CA PRO A 6 -4.29 8.87 -1.07
C PRO A 6 -5.07 9.37 0.15
N SER A 7 -6.36 9.62 -0.07
CA SER A 7 -7.25 10.05 0.98
C SER A 7 -7.94 8.83 1.58
N LEU A 8 -7.82 8.68 2.90
CA LEU A 8 -8.38 7.52 3.58
C LEU A 8 -9.84 7.29 3.19
N ARG A 9 -10.67 8.32 3.33
CA ARG A 9 -12.09 8.13 3.02
C ARG A 9 -12.30 7.68 1.58
N ASP A 10 -11.47 8.16 0.65
CA ASP A 10 -11.61 7.75 -0.75
C ASP A 10 -11.14 6.31 -0.93
N VAL A 11 -9.98 5.97 -0.37
CA VAL A 11 -9.49 4.59 -0.42
C VAL A 11 -10.59 3.62 0.03
N PHE A 12 -11.28 3.96 1.12
CA PHE A 12 -12.29 3.04 1.67
C PHE A 12 -13.72 3.43 1.30
N ALA A 13 -13.88 4.24 0.25
CA ALA A 13 -15.19 4.71 -0.17
C ALA A 13 -16.21 3.58 -0.29
N ASN A 14 -15.80 2.42 -0.79
CA ASN A 14 -16.75 1.33 -0.99
C ASN A 14 -16.81 0.39 0.20
N ASP A 15 -16.10 0.69 1.29
CA ASP A 15 -16.00 -0.24 2.40
C ASP A 15 -16.64 0.32 3.66
N PHE A 16 -16.20 1.48 4.13
CA PHE A 16 -16.72 2.07 5.36
C PHE A 16 -16.25 3.52 5.44
N ARG A 17 -17.00 4.32 6.18
CA ARG A 17 -16.52 5.65 6.50
C ARG A 17 -15.26 5.57 7.36
N ILE A 18 -14.48 6.65 7.32
CA ILE A 18 -13.27 6.80 8.11
C ILE A 18 -13.48 8.00 9.03
N GLY A 19 -13.30 7.80 10.34
CA GLY A 19 -13.60 8.82 11.33
C GLY A 19 -12.39 9.18 12.17
N ALA A 20 -12.57 10.23 12.98
CA ALA A 20 -11.57 10.69 13.93
C ALA A 20 -12.29 11.30 15.12
N ALA A 21 -11.77 11.03 16.32
CA ALA A 21 -12.24 11.70 17.52
C ALA A 21 -11.52 13.04 17.64
N VAL A 22 -12.27 14.11 17.91
CA VAL A 22 -11.73 15.47 17.92
C VAL A 22 -12.30 16.24 19.10
N ASN A 23 -11.76 17.44 19.29
CA ASN A 23 -12.34 18.48 20.13
C ASN A 23 -12.05 19.80 19.40
N PRO A 24 -12.51 20.96 19.90
CA PRO A 24 -12.27 22.21 19.15
C PRO A 24 -10.79 22.56 18.98
N VAL A 25 -9.95 22.25 19.97
CA VAL A 25 -8.51 22.49 19.82
C VAL A 25 -7.93 21.61 18.70
N THR A 26 -8.13 20.29 18.77
CA THR A 26 -7.51 19.42 17.76
C THR A 26 -8.10 19.67 16.39
N ILE A 27 -9.36 20.08 16.31
CA ILE A 27 -9.91 20.47 15.01
C ILE A 27 -9.05 21.55 14.38
N GLU A 28 -8.62 22.55 15.17
CA GLU A 28 -7.73 23.58 14.65
C GLU A 28 -6.36 23.01 14.35
N MET A 29 -5.79 22.26 15.29
CA MET A 29 -4.42 21.80 15.18
C MET A 29 -4.23 20.78 14.07
N GLN A 30 -5.28 20.04 13.70
CA GLN A 30 -5.18 18.99 12.70
C GLN A 30 -6.16 19.19 11.55
N LYS A 31 -6.62 20.44 11.35
CA LYS A 31 -7.70 20.69 10.41
C LYS A 31 -7.45 20.06 9.05
N GLN A 32 -6.24 20.24 8.50
CA GLN A 32 -5.99 19.79 7.13
C GLN A 32 -6.07 18.27 7.01
N LEU A 33 -5.55 17.55 8.01
CA LEU A 33 -5.62 16.09 8.00
C LEU A 33 -7.06 15.62 7.93
N LEU A 34 -7.90 16.19 8.81
CA LEU A 34 -9.31 15.83 8.86
C LEU A 34 -9.98 16.11 7.53
N ILE A 35 -9.75 17.32 7.00
CA ILE A 35 -10.36 17.70 5.73
C ILE A 35 -9.89 16.78 4.61
N ASP A 36 -8.63 16.33 4.65
CA ASP A 36 -8.14 15.49 3.56
C ASP A 36 -8.53 14.02 3.69
N HIS A 37 -8.82 13.53 4.90
CA HIS A 37 -8.91 12.09 5.07
C HIS A 37 -10.23 11.55 5.61
N VAL A 38 -10.94 12.26 6.52
CA VAL A 38 -12.08 11.64 7.20
C VAL A 38 -13.39 12.08 6.57
N ASN A 39 -14.40 11.21 6.61
CA ASN A 39 -15.77 11.61 6.33
C ASN A 39 -16.68 11.37 7.53
N SER A 40 -16.11 11.34 8.73
CA SER A 40 -16.86 11.10 9.96
C SER A 40 -16.10 11.67 11.15
N ILE A 41 -16.85 12.17 12.12
CA ILE A 41 -16.29 12.88 13.26
C ILE A 41 -16.96 12.36 14.53
N THR A 42 -16.18 12.21 15.59
CA THR A 42 -16.69 11.91 16.91
C THR A 42 -16.08 12.90 17.89
N ALA A 43 -16.86 13.31 18.88
CA ALA A 43 -16.35 14.17 19.94
C ALA A 43 -15.57 13.33 20.94
N GLU A 44 -14.29 13.65 21.14
CA GLU A 44 -13.51 12.84 22.06
C GLU A 44 -14.02 12.96 23.50
N ASN A 45 -14.49 14.15 23.91
CA ASN A 45 -15.00 14.35 25.27
C ASN A 45 -16.25 15.22 25.36
N HIS A 46 -16.53 16.08 24.38
CA HIS A 46 -17.44 17.19 24.60
C HIS A 46 -18.90 16.85 24.35
N MET A 47 -19.22 15.57 24.16
CA MET A 47 -20.60 15.14 24.17
C MET A 47 -20.84 14.14 25.27
N LYS A 48 -19.90 13.99 26.19
CA LYS A 48 -20.16 13.20 27.40
C LYS A 48 -20.97 14.03 28.38
N PHE A 49 -21.60 13.33 29.34
CA PHE A 49 -22.54 13.98 30.25
C PHE A 49 -21.93 15.19 30.95
N GLU A 50 -20.72 15.04 31.52
CA GLU A 50 -20.12 16.13 32.28
C GLU A 50 -19.84 17.35 31.41
N HIS A 51 -19.72 17.19 30.10
CA HIS A 51 -19.46 18.33 29.23
C HIS A 51 -20.73 18.87 28.57
N LEU A 52 -21.87 18.27 28.83
CA LEU A 52 -23.13 18.74 28.28
C LEU A 52 -24.08 19.27 29.33
N GLN A 53 -24.22 18.60 30.48
CA GLN A 53 -25.08 19.03 31.58
C GLN A 53 -24.30 18.97 32.89
N PRO A 54 -23.32 19.87 33.07
CA PRO A 54 -22.47 19.78 34.27
C PRO A 54 -23.22 20.02 35.57
N GLU A 55 -24.32 20.76 35.53
CA GLU A 55 -25.24 20.89 36.65
C GLU A 55 -26.65 20.68 36.11
N GLU A 56 -27.57 20.29 36.99
CA GLU A 56 -28.95 20.04 36.54
C GLU A 56 -29.56 21.30 35.94
N GLY A 57 -29.99 21.20 34.69
CA GLY A 57 -30.59 22.30 33.97
C GLY A 57 -29.61 23.24 33.31
N LYS A 58 -28.31 23.02 33.50
CA LYS A 58 -27.29 23.83 32.85
C LYS A 58 -26.71 22.99 31.71
N PHE A 59 -27.08 23.34 30.49
CA PHE A 59 -26.58 22.64 29.32
C PHE A 59 -25.51 23.50 28.64
N THR A 60 -24.36 22.89 28.37
CA THR A 60 -23.22 23.57 27.78
C THR A 60 -22.90 22.90 26.43
N PHE A 61 -23.59 23.35 25.39
CA PHE A 61 -23.46 22.76 24.07
C PHE A 61 -22.40 23.43 23.22
N GLN A 62 -21.71 24.44 23.74
CA GLN A 62 -20.92 25.30 22.86
C GLN A 62 -19.83 24.50 22.13
N GLU A 63 -19.03 23.71 22.87
CA GLU A 63 -17.95 22.95 22.24
C GLU A 63 -18.47 21.86 21.31
N ALA A 64 -19.47 21.11 21.75
CA ALA A 64 -20.12 20.13 20.89
C ALA A 64 -20.66 20.78 19.61
N ASP A 65 -21.23 21.99 19.74
CA ASP A 65 -21.74 22.70 18.57
C ASP A 65 -20.64 22.99 17.56
N ARG A 66 -19.46 23.40 18.02
CA ARG A 66 -18.37 23.73 17.10
C ARG A 66 -17.91 22.48 16.35
N ILE A 67 -17.81 21.37 17.07
CA ILE A 67 -17.50 20.08 16.45
C ILE A 67 -18.53 19.75 15.37
N VAL A 68 -19.82 19.87 15.70
CA VAL A 68 -20.86 19.55 14.73
C VAL A 68 -20.81 20.52 13.55
N ASP A 69 -20.59 21.80 13.83
CA ASP A 69 -20.54 22.77 12.73
C ASP A 69 -19.39 22.47 11.79
N PHE A 70 -18.22 22.16 12.35
CA PHE A 70 -17.08 21.73 11.53
C PHE A 70 -17.48 20.55 10.66
N ALA A 71 -18.08 19.51 11.26
CA ALA A 71 -18.40 18.31 10.49
C ALA A 71 -19.36 18.61 9.36
N CYS A 72 -20.42 19.38 9.64
CA CYS A 72 -21.40 19.70 8.61
C CYS A 72 -20.80 20.58 7.52
N SER A 73 -19.96 21.55 7.88
CA SER A 73 -19.39 22.40 6.85
C SER A 73 -18.37 21.67 5.99
N HIS A 74 -18.00 20.43 6.31
CA HIS A 74 -17.11 19.65 5.47
C HIS A 74 -17.72 18.31 5.07
N ARG A 75 -19.05 18.20 5.16
CA ARG A 75 -19.78 17.01 4.71
C ARG A 75 -19.27 15.75 5.40
N MET A 76 -19.08 15.84 6.72
CA MET A 76 -18.66 14.68 7.51
C MET A 76 -19.83 14.22 8.36
N ALA A 77 -20.02 12.92 8.45
CA ALA A 77 -21.00 12.39 9.39
C ALA A 77 -20.51 12.60 10.82
N VAL A 78 -21.43 12.47 11.78
CA VAL A 78 -21.09 12.63 13.19
C VAL A 78 -21.64 11.47 14.00
N ARG A 79 -20.79 10.85 14.81
CA ARG A 79 -21.22 9.89 15.81
C ARG A 79 -21.30 10.61 17.15
N GLY A 80 -22.43 10.43 17.84
CA GLY A 80 -22.61 11.01 19.15
C GLY A 80 -22.05 10.07 20.19
N HIS A 81 -21.22 10.63 21.08
CA HIS A 81 -20.56 9.83 22.12
C HIS A 81 -20.47 10.69 23.39
N THR A 82 -21.09 10.27 24.49
CA THR A 82 -21.89 9.06 24.68
C THR A 82 -22.91 9.43 25.75
N LEU A 83 -24.08 8.77 25.81
CA LEU A 83 -25.13 9.23 26.72
C LEU A 83 -25.00 8.67 28.14
N VAL A 84 -24.91 7.35 28.28
CA VAL A 84 -24.94 6.72 29.60
C VAL A 84 -23.66 5.92 29.80
N TRP A 85 -22.92 6.26 30.84
CA TRP A 85 -21.58 5.73 31.07
C TRP A 85 -21.25 5.88 32.55
N HIS A 86 -20.47 4.94 33.08
CA HIS A 86 -20.03 5.05 34.47
C HIS A 86 -18.94 6.09 34.65
N ASN A 87 -18.36 6.62 33.58
CA ASN A 87 -17.35 7.65 33.75
C ASN A 87 -17.88 9.00 33.28
N GLN A 88 -17.15 10.06 33.67
CA GLN A 88 -17.39 11.41 33.18
C GLN A 88 -18.87 11.78 33.24
N THR A 89 -19.50 11.43 34.37
CA THR A 89 -20.86 11.82 34.67
C THR A 89 -20.86 12.50 36.03
N PRO A 90 -21.38 13.72 36.13
CA PRO A 90 -21.26 14.47 37.39
C PRO A 90 -22.04 13.81 38.52
N ASP A 91 -21.65 14.14 39.74
CA ASP A 91 -22.25 13.50 40.91
C ASP A 91 -23.72 13.88 41.09
N TRP A 92 -24.10 15.10 40.69
CA TRP A 92 -25.47 15.55 40.94
C TRP A 92 -26.49 14.59 40.35
N VAL A 93 -26.12 13.90 39.28
CA VAL A 93 -27.07 13.04 38.56
C VAL A 93 -27.68 12.00 39.49
N PHE A 94 -26.90 11.51 40.45
CA PHE A 94 -27.33 10.39 41.27
C PHE A 94 -27.79 10.82 42.66
N GLN A 95 -27.76 12.12 42.96
CA GLN A 95 -27.95 12.67 44.29
C GLN A 95 -29.23 13.49 44.41
N ASP A 96 -29.71 13.63 45.64
CA ASP A 96 -30.78 14.57 45.96
C ASP A 96 -30.18 15.79 46.68
N GLY A 97 -31.03 16.63 47.25
CA GLY A 97 -30.53 17.76 48.01
C GLY A 97 -29.64 17.35 49.17
N GLN A 98 -29.96 16.23 49.81
CA GLN A 98 -29.27 15.74 51.00
C GLN A 98 -27.99 14.97 50.68
N GLY A 99 -27.62 14.85 49.40
CA GLY A 99 -26.43 14.09 49.04
C GLY A 99 -26.60 12.58 49.07
N HIS A 100 -27.82 12.11 49.30
CA HIS A 100 -28.15 10.69 49.23
C HIS A 100 -28.49 10.29 47.79
N PHE A 101 -28.59 8.99 47.55
CA PHE A 101 -28.91 8.51 46.22
C PHE A 101 -30.39 8.70 45.91
N VAL A 102 -30.68 8.99 44.65
CA VAL A 102 -32.05 9.25 44.23
C VAL A 102 -32.78 7.95 43.98
N SER A 103 -34.09 8.07 43.79
CA SER A 103 -34.96 6.96 43.45
C SER A 103 -34.64 6.43 42.05
N ARG A 104 -35.01 5.16 41.82
CA ARG A 104 -35.07 4.66 40.46
C ARG A 104 -35.82 5.63 39.55
N ASP A 105 -37.04 6.02 39.97
CA ASP A 105 -37.88 6.86 39.12
C ASP A 105 -37.27 8.23 38.88
N VAL A 106 -36.55 8.78 39.85
CA VAL A 106 -35.93 10.09 39.66
C VAL A 106 -34.72 9.97 38.72
N LEU A 107 -33.93 8.91 38.87
CA LEU A 107 -32.81 8.77 37.94
C LEU A 107 -33.31 8.53 36.52
N LEU A 108 -34.40 7.76 36.36
CA LEU A 108 -35.01 7.61 35.04
C LEU A 108 -35.44 8.94 34.44
N GLU A 109 -36.05 9.81 35.26
CA GLU A 109 -36.47 11.11 34.75
C GLU A 109 -35.27 11.95 34.33
N ARG A 110 -34.21 11.93 35.13
CA ARG A 110 -32.99 12.64 34.76
C ARG A 110 -32.36 12.06 33.50
N MET A 111 -32.25 10.73 33.43
CA MET A 111 -31.74 10.11 32.22
C MET A 111 -32.57 10.52 31.00
N LYS A 112 -33.91 10.47 31.14
CA LYS A 112 -34.75 10.81 29.99
C LYS A 112 -34.59 12.27 29.61
N CYS A 113 -34.57 13.17 30.59
CA CYS A 113 -34.42 14.58 30.27
C CYS A 113 -33.11 14.83 29.53
N HIS A 114 -32.01 14.28 30.05
CA HIS A 114 -30.71 14.46 29.40
C HIS A 114 -30.74 13.92 27.97
N ILE A 115 -31.19 12.68 27.80
CA ILE A 115 -31.16 12.05 26.49
C ILE A 115 -32.04 12.82 25.51
N SER A 116 -33.21 13.27 25.97
N SER A 116 -33.21 13.28 25.96
CA SER A 116 -34.11 14.02 25.10
CA SER A 116 -34.10 14.01 25.07
C SER A 116 -33.49 15.35 24.67
C SER A 116 -33.51 15.36 24.67
N THR A 117 -32.93 16.11 25.62
CA THR A 117 -32.38 17.41 25.29
C THR A 117 -31.18 17.28 24.34
N VAL A 118 -30.27 16.35 24.65
CA VAL A 118 -29.07 16.19 23.84
C VAL A 118 -29.42 15.64 22.45
N VAL A 119 -30.17 14.55 22.40
CA VAL A 119 -30.43 13.90 21.12
C VAL A 119 -31.30 14.78 20.22
N ARG A 120 -32.30 15.45 20.78
CA ARG A 120 -33.15 16.29 19.95
CA ARG A 120 -33.16 16.31 19.96
C ARG A 120 -32.38 17.49 19.40
N ARG A 121 -31.39 18.02 20.15
CA ARG A 121 -30.66 19.17 19.62
C ARG A 121 -29.96 18.83 18.31
N TYR A 122 -29.42 17.63 18.20
CA TYR A 122 -28.58 17.27 17.07
C TYR A 122 -29.29 16.32 16.12
N LYS A 123 -30.58 16.09 16.35
CA LYS A 123 -31.43 15.34 15.43
C LYS A 123 -31.22 15.83 13.99
N GLY A 124 -31.01 14.90 13.07
CA GLY A 124 -30.77 15.27 11.69
C GLY A 124 -29.37 15.76 11.37
N LYS A 125 -28.49 15.91 12.34
CA LYS A 125 -27.08 16.09 12.07
C LYS A 125 -26.23 14.93 12.57
N ILE A 126 -26.63 14.28 13.65
CA ILE A 126 -25.92 13.12 14.18
C ILE A 126 -26.70 11.88 13.79
N TYR A 127 -26.05 10.95 13.09
CA TYR A 127 -26.78 9.79 12.59
C TYR A 127 -26.70 8.58 13.49
N CYS A 128 -25.86 8.59 14.52
CA CYS A 128 -25.88 7.48 15.47
C CYS A 128 -25.36 7.96 16.82
N TRP A 129 -25.69 7.19 17.86
CA TRP A 129 -25.34 7.51 19.24
C TRP A 129 -24.83 6.24 19.93
N ASP A 130 -23.69 6.36 20.61
CA ASP A 130 -23.35 5.39 21.63
C ASP A 130 -24.24 5.64 22.84
N VAL A 131 -25.36 4.92 22.93
CA VAL A 131 -26.30 5.14 24.03
C VAL A 131 -25.69 4.69 25.35
N ILE A 132 -25.22 3.44 25.39
CA ILE A 132 -24.62 2.82 26.56
C ILE A 132 -23.15 2.59 26.27
N ASN A 133 -22.28 3.00 27.20
CA ASN A 133 -20.84 2.81 27.06
C ASN A 133 -20.35 1.88 28.15
N GLU A 134 -19.71 0.78 27.76
CA GLU A 134 -18.88 -0.03 28.66
C GLU A 134 -19.67 -0.53 29.89
N ALA A 135 -20.89 -0.99 29.68
CA ALA A 135 -21.68 -1.51 30.79
C ALA A 135 -21.26 -2.91 31.21
N VAL A 136 -20.70 -3.70 30.28
CA VAL A 136 -20.32 -5.07 30.59
C VAL A 136 -19.09 -5.09 31.49
N ALA A 137 -19.05 -6.05 32.41
CA ALA A 137 -17.88 -6.17 33.29
C ALA A 137 -16.64 -6.57 32.50
N ASP A 138 -15.52 -5.93 32.82
CA ASP A 138 -14.26 -6.20 32.15
C ASP A 138 -13.51 -7.38 32.77
N GLU A 139 -13.86 -7.77 33.99
CA GLU A 139 -13.22 -8.88 34.67
C GLU A 139 -14.25 -9.58 35.54
N GLY A 140 -13.90 -10.76 36.02
CA GLY A 140 -14.81 -11.52 36.83
C GLY A 140 -15.84 -12.22 35.97
N ASN A 141 -16.88 -12.73 36.64
CA ASN A 141 -17.90 -13.50 35.96
C ASN A 141 -19.28 -12.89 36.07
N GLU A 142 -19.43 -11.74 36.71
CA GLU A 142 -20.66 -10.98 36.60
C GLU A 142 -20.80 -10.43 35.19
N LEU A 143 -22.03 -10.36 34.70
CA LEU A 143 -22.27 -9.85 33.36
C LEU A 143 -21.99 -8.35 33.28
N LEU A 144 -22.40 -7.61 34.30
CA LEU A 144 -22.38 -6.16 34.27
C LEU A 144 -21.42 -5.62 35.29
N ARG A 145 -20.70 -4.59 34.87
CA ARG A 145 -19.91 -3.76 35.75
C ARG A 145 -20.84 -3.10 36.78
N PRO A 146 -20.35 -2.81 37.99
CA PRO A 146 -21.14 -1.98 38.90
C PRO A 146 -21.10 -0.53 38.46
N SER A 147 -22.20 0.18 38.70
CA SER A 147 -22.27 1.60 38.38
C SER A 147 -23.49 2.17 39.08
N LYS A 148 -23.44 3.47 39.33
CA LYS A 148 -24.57 4.12 39.99
C LYS A 148 -25.82 4.07 39.13
N TRP A 149 -25.68 4.13 37.81
CA TRP A 149 -26.85 3.91 36.94
C TRP A 149 -27.50 2.57 37.26
N ARG A 150 -26.69 1.52 37.29
CA ARG A 150 -27.20 0.18 37.51
C ARG A 150 -27.68 -0.01 38.94
N GLN A 151 -26.87 0.48 39.89
CA GLN A 151 -27.20 0.44 41.31
C GLN A 151 -28.59 1.02 41.58
N ILE A 152 -28.85 2.21 41.06
CA ILE A 152 -30.06 2.93 41.44
C ILE A 152 -31.26 2.45 40.62
N ILE A 153 -31.09 2.26 39.31
CA ILE A 153 -32.25 1.92 38.49
C ILE A 153 -32.53 0.42 38.52
N GLY A 154 -31.49 -0.39 38.59
CA GLY A 154 -31.61 -1.81 38.32
C GLY A 154 -31.05 -2.17 36.95
N ASP A 155 -31.14 -3.45 36.63
CA ASP A 155 -30.44 -3.96 35.47
C ASP A 155 -31.11 -3.61 34.15
N ASP A 156 -32.32 -3.05 34.17
CA ASP A 156 -32.99 -2.64 32.94
C ASP A 156 -32.71 -1.18 32.58
N PHE A 157 -31.75 -0.53 33.24
CA PHE A 157 -31.42 0.85 32.87
C PHE A 157 -30.98 0.96 31.42
N MET A 158 -30.31 -0.06 30.88
CA MET A 158 -29.90 0.01 29.48
C MET A 158 -31.10 -0.03 28.56
N GLU A 159 -32.08 -0.89 28.85
CA GLU A 159 -33.34 -0.90 28.09
C GLU A 159 -33.96 0.48 28.05
N GLN A 160 -34.10 1.09 29.22
CA GLN A 160 -34.68 2.43 29.32
C GLN A 160 -33.90 3.43 28.47
N ALA A 161 -32.56 3.41 28.57
CA ALA A 161 -31.77 4.42 27.87
C ALA A 161 -31.99 4.34 26.37
N PHE A 162 -31.92 3.13 25.79
CA PHE A 162 -32.16 2.95 24.37
C PHE A 162 -33.55 3.44 23.97
N LEU A 163 -34.58 3.09 24.77
CA LEU A 163 -35.94 3.50 24.44
C LEU A 163 -36.07 5.02 24.51
N TYR A 164 -35.47 5.66 25.52
CA TYR A 164 -35.44 7.12 25.56
C TYR A 164 -34.75 7.70 24.33
N ALA A 165 -33.64 7.11 23.91
CA ALA A 165 -32.91 7.67 22.77
C ALA A 165 -33.71 7.49 21.49
N TYR A 166 -34.33 6.32 21.34
CA TYR A 166 -35.12 6.03 20.13
C TYR A 166 -36.29 6.99 20.00
N GLU A 167 -37.02 7.23 21.09
CA GLU A 167 -38.12 8.18 21.06
C GLU A 167 -37.64 9.58 20.68
N ALA A 168 -36.48 10.01 21.20
CA ALA A 168 -35.98 11.35 20.89
C ALA A 168 -35.61 11.48 19.42
N ASP A 169 -35.03 10.44 18.82
CA ASP A 169 -34.73 10.45 17.39
C ASP A 169 -34.80 9.03 16.87
N PRO A 170 -35.97 8.61 16.38
CA PRO A 170 -36.11 7.23 15.89
C PRO A 170 -35.37 6.94 14.59
N ASP A 171 -34.78 7.94 13.93
CA ASP A 171 -33.99 7.69 12.72
C ASP A 171 -32.52 7.46 13.02
N ALA A 172 -32.11 7.60 14.28
CA ALA A 172 -30.72 7.41 14.63
C ALA A 172 -30.42 5.93 14.82
N LEU A 173 -29.19 5.53 14.51
CA LEU A 173 -28.73 4.19 14.83
C LEU A 173 -28.17 4.21 16.24
N LEU A 174 -28.68 3.35 17.10
CA LEU A 174 -28.31 3.33 18.51
C LEU A 174 -27.35 2.18 18.78
N PHE A 175 -26.25 2.47 19.45
CA PHE A 175 -25.14 1.53 19.62
C PHE A 175 -24.89 1.18 21.08
N TYR A 176 -24.56 -0.09 21.33
CA TYR A 176 -23.82 -0.47 22.53
C TYR A 176 -22.33 -0.42 22.20
N ASN A 177 -21.53 0.27 23.03
CA ASN A 177 -20.13 0.58 22.72
C ASN A 177 -19.22 0.08 23.83
N ASP A 178 -18.14 -0.61 23.47
CA ASP A 178 -17.30 -1.20 24.50
C ASP A 178 -15.91 -1.54 23.96
N TYR A 179 -14.98 -1.75 24.89
CA TYR A 179 -13.59 -2.08 24.62
C TYR A 179 -13.27 -3.50 25.09
N ASN A 180 -12.09 -3.98 24.71
CA ASN A 180 -11.70 -5.39 24.90
C ASN A 180 -12.78 -6.31 24.35
N GLU A 181 -13.42 -5.83 23.29
CA GLU A 181 -14.56 -6.46 22.66
C GLU A 181 -14.21 -7.75 21.94
N CYS A 182 -12.91 -8.04 21.75
CA CYS A 182 -12.50 -9.26 21.07
C CYS A 182 -11.91 -10.32 22.01
N PHE A 183 -11.75 -10.02 23.29
CA PHE A 183 -11.33 -11.07 24.22
C PHE A 183 -12.50 -12.01 24.46
N PRO A 184 -12.35 -13.32 24.18
CA PRO A 184 -13.52 -14.21 24.11
C PRO A 184 -14.50 -14.11 25.26
N GLU A 185 -14.03 -14.03 26.49
CA GLU A 185 -14.98 -14.03 27.59
C GLU A 185 -15.78 -12.75 27.62
N LYS A 186 -15.13 -11.61 27.38
CA LYS A 186 -15.88 -10.37 27.31
C LYS A 186 -16.76 -10.36 26.06
N ARG A 187 -16.25 -10.92 24.96
CA ARG A 187 -17.04 -10.97 23.73
C ARG A 187 -18.37 -11.68 23.97
N GLU A 188 -18.35 -12.79 24.71
CA GLU A 188 -19.58 -13.54 24.95
C GLU A 188 -20.53 -12.79 25.87
N LYS A 189 -20.00 -11.97 26.79
CA LYS A 189 -20.86 -11.14 27.62
C LYS A 189 -21.53 -10.06 26.78
N ILE A 190 -20.75 -9.38 25.94
CA ILE A 190 -21.32 -8.35 25.08
C ILE A 190 -22.39 -8.97 24.17
N PHE A 191 -22.04 -10.07 23.52
CA PHE A 191 -23.00 -10.81 22.71
C PHE A 191 -24.26 -11.11 23.51
N ALA A 192 -24.10 -11.75 24.67
CA ALA A 192 -25.26 -12.16 25.46
C ALA A 192 -26.10 -10.96 25.85
N LEU A 193 -25.44 -9.86 26.23
CA LEU A 193 -26.19 -8.67 26.61
C LEU A 193 -26.99 -8.13 25.43
N VAL A 194 -26.35 -7.96 24.27
CA VAL A 194 -27.02 -7.34 23.14
C VAL A 194 -28.14 -8.24 22.62
N LYS A 195 -27.86 -9.54 22.48
CA LYS A 195 -28.88 -10.52 22.10
C LYS A 195 -30.10 -10.41 23.01
N SER A 196 -29.89 -10.34 24.32
CA SER A 196 -31.03 -10.26 25.22
C SER A 196 -31.84 -8.99 24.95
N LEU A 197 -31.18 -7.87 24.70
CA LEU A 197 -31.88 -6.63 24.43
C LEU A 197 -32.68 -6.71 23.13
N ARG A 198 -32.04 -7.19 22.07
CA ARG A 198 -32.75 -7.38 20.81
C ARG A 198 -33.91 -8.34 20.97
N ASP A 199 -33.75 -9.36 21.82
CA ASP A 199 -34.79 -10.37 21.98
C ASP A 199 -36.03 -9.81 22.65
N LYS A 200 -35.89 -8.70 23.36
CA LYS A 200 -37.03 -8.01 23.96
C LYS A 200 -37.54 -6.84 23.11
N GLY A 201 -37.08 -6.72 21.87
CA GLY A 201 -37.53 -5.62 21.01
C GLY A 201 -36.93 -4.26 21.32
N ILE A 202 -35.86 -4.21 22.10
CA ILE A 202 -35.20 -2.94 22.42
C ILE A 202 -34.53 -2.37 21.17
N PRO A 203 -34.72 -1.09 20.85
CA PRO A 203 -34.09 -0.52 19.65
C PRO A 203 -32.59 -0.35 19.80
N ILE A 204 -31.83 -1.44 19.74
CA ILE A 204 -30.38 -1.36 19.62
C ILE A 204 -30.02 -1.86 18.23
N HIS A 205 -29.42 -0.98 17.42
CA HIS A 205 -29.14 -1.30 16.02
C HIS A 205 -27.69 -1.65 15.75
N GLY A 206 -26.79 -1.41 16.69
CA GLY A 206 -25.38 -1.57 16.37
C GLY A 206 -24.54 -1.82 17.59
N ILE A 207 -23.37 -2.41 17.34
CA ILE A 207 -22.36 -2.60 18.36
C ILE A 207 -21.15 -1.78 17.95
N GLY A 208 -20.63 -1.02 18.90
CA GLY A 208 -19.42 -0.27 18.70
C GLY A 208 -18.24 -1.00 19.27
N MET A 209 -17.33 -1.44 18.39
CA MET A 209 -16.08 -2.07 18.80
C MET A 209 -15.04 -0.97 18.96
N GLN A 210 -14.65 -0.70 20.20
CA GLN A 210 -13.75 0.42 20.44
C GLN A 210 -12.39 0.19 19.79
N ALA A 211 -11.87 -1.04 19.85
CA ALA A 211 -10.61 -1.39 19.23
C ALA A 211 -9.43 -0.56 19.77
N HIS A 212 -9.34 -0.47 21.11
CA HIS A 212 -8.15 0.10 21.74
C HIS A 212 -7.14 -1.03 21.85
N TRP A 213 -6.39 -1.22 20.79
CA TRP A 213 -5.62 -2.43 20.57
C TRP A 213 -4.14 -2.20 20.79
N SER A 214 -3.42 -3.31 20.91
CA SER A 214 -1.96 -3.32 21.04
C SER A 214 -1.37 -3.97 19.80
N LEU A 215 -0.04 -4.02 19.74
CA LEU A 215 0.61 -4.65 18.59
C LEU A 215 0.29 -6.14 18.52
N THR A 216 0.02 -6.77 19.68
CA THR A 216 -0.19 -8.21 19.82
C THR A 216 -1.64 -8.60 20.07
N ARG A 217 -2.42 -7.79 20.77
CA ARG A 217 -3.72 -8.18 21.29
C ARG A 217 -4.82 -7.25 20.80
N PRO A 218 -5.98 -7.78 20.43
CA PRO A 218 -6.27 -9.20 20.32
C PRO A 218 -5.68 -9.76 19.02
N SER A 219 -5.61 -11.09 18.89
CA SER A 219 -5.12 -11.68 17.66
C SER A 219 -6.08 -11.43 16.52
N LEU A 220 -5.56 -11.57 15.29
CA LEU A 220 -6.41 -11.47 14.11
C LEU A 220 -7.55 -12.48 14.16
N ASP A 221 -7.28 -13.69 14.66
CA ASP A 221 -8.36 -14.68 14.79
C ASP A 221 -9.40 -14.23 15.81
N GLU A 222 -8.98 -13.53 16.87
CA GLU A 222 -9.96 -13.06 17.85
C GLU A 222 -10.80 -11.92 17.28
N ILE A 223 -10.20 -11.07 16.44
CA ILE A 223 -10.97 -9.99 15.83
C ILE A 223 -11.99 -10.57 14.86
N ARG A 224 -11.54 -11.50 14.00
CA ARG A 224 -12.46 -12.15 13.08
C ARG A 224 -13.61 -12.82 13.82
N ALA A 225 -13.31 -13.58 14.86
CA ALA A 225 -14.38 -14.28 15.58
C ALA A 225 -15.36 -13.30 16.23
N ALA A 226 -14.85 -12.18 16.76
CA ALA A 226 -15.74 -11.19 17.38
C ALA A 226 -16.65 -10.54 16.35
N ILE A 227 -16.07 -10.12 15.22
CA ILE A 227 -16.86 -9.55 14.12
C ILE A 227 -17.98 -10.50 13.72
N GLU A 228 -17.64 -11.76 13.50
CA GLU A 228 -18.64 -12.74 13.07
C GLU A 228 -19.66 -13.01 14.17
N ARG A 229 -19.21 -13.04 15.43
CA ARG A 229 -20.13 -13.24 16.54
C ARG A 229 -21.15 -12.11 16.63
N TYR A 230 -20.67 -10.86 16.58
CA TYR A 230 -21.57 -9.71 16.63
C TYR A 230 -22.44 -9.63 15.38
N ALA A 231 -21.84 -9.74 14.19
CA ALA A 231 -22.63 -9.64 12.96
C ALA A 231 -23.75 -10.69 12.92
N SER A 232 -23.58 -11.82 13.62
CA SER A 232 -24.62 -12.85 13.59
C SER A 232 -25.91 -12.38 14.27
N LEU A 233 -25.83 -11.36 15.12
CA LEU A 233 -27.00 -10.80 15.78
C LEU A 233 -27.83 -9.91 14.87
N GLY A 234 -27.36 -9.61 13.66
CA GLY A 234 -28.08 -8.70 12.79
C GLY A 234 -27.81 -7.22 13.04
N VAL A 235 -26.91 -6.86 13.96
CA VAL A 235 -26.57 -5.46 14.19
C VAL A 235 -25.59 -4.96 13.14
N VAL A 236 -25.52 -3.64 12.99
CA VAL A 236 -24.41 -3.07 12.24
C VAL A 236 -23.21 -2.93 13.17
N LEU A 237 -22.02 -2.93 12.58
CA LEU A 237 -20.78 -2.81 13.34
C LEU A 237 -20.08 -1.50 12.97
N HIS A 238 -19.72 -0.72 14.00
CA HIS A 238 -18.78 0.39 13.87
C HIS A 238 -17.53 0.05 14.67
N ILE A 239 -16.36 0.32 14.09
CA ILE A 239 -15.12 0.42 14.85
C ILE A 239 -15.02 1.87 15.32
N THR A 240 -15.05 2.09 16.64
CA THR A 240 -15.35 3.43 17.11
C THR A 240 -14.18 4.22 17.71
N GLY A 241 -13.11 3.56 18.13
CA GLY A 241 -12.00 4.28 18.73
C GLY A 241 -10.65 3.67 18.41
N LEU A 242 -10.47 3.25 17.16
CA LEU A 242 -9.29 2.48 16.77
C LEU A 242 -8.00 3.25 17.06
N ASP A 243 -7.10 2.58 17.77
CA ASP A 243 -5.70 2.97 17.85
C ASP A 243 -4.89 1.72 18.17
N VAL A 244 -3.60 1.79 17.87
CA VAL A 244 -2.71 0.65 18.02
C VAL A 244 -1.55 1.09 18.90
N SER A 245 -1.65 0.81 20.20
CA SER A 245 -0.67 1.24 21.17
C SER A 245 0.68 0.56 20.90
N MET A 246 1.76 1.31 21.09
CA MET A 246 3.10 0.75 21.04
C MET A 246 3.44 -0.09 22.28
N PHE A 247 2.68 -0.01 23.36
CA PHE A 247 2.95 -0.75 24.57
C PHE A 247 1.83 -1.74 24.85
N GLU A 248 2.19 -2.98 25.16
CA GLU A 248 1.22 -3.91 25.73
C GLU A 248 0.76 -3.42 27.10
N PHE A 249 -0.31 -4.05 27.58
CA PHE A 249 -0.89 -3.65 28.86
C PHE A 249 0.13 -3.74 30.00
N HIS A 250 0.94 -4.80 30.02
CA HIS A 250 1.94 -4.96 31.08
C HIS A 250 3.12 -4.00 30.94
N ASP A 251 3.23 -3.28 29.83
CA ASP A 251 4.42 -2.50 29.51
C ASP A 251 4.18 -1.08 30.00
N ARG A 252 4.67 -0.77 31.19
CA ARG A 252 4.42 0.51 31.82
C ARG A 252 5.63 1.45 31.73
N ARG A 253 6.52 1.21 30.76
CA ARG A 253 7.72 2.03 30.60
C ARG A 253 7.38 3.49 30.34
N THR A 254 8.14 4.38 31.00
CA THR A 254 7.92 5.81 30.86
C THR A 254 9.03 6.56 30.13
N ASP A 255 10.16 5.91 29.82
CA ASP A 255 11.34 6.62 29.35
CA ASP A 255 11.36 6.59 29.36
C ASP A 255 11.66 6.34 27.89
N LEU A 256 10.69 5.90 27.11
CA LEU A 256 10.90 5.72 25.67
C LEU A 256 10.61 7.05 24.99
N ALA A 257 11.65 7.71 24.49
CA ALA A 257 11.47 9.00 23.84
C ALA A 257 10.96 8.89 22.41
N ALA A 258 11.11 7.72 21.79
CA ALA A 258 10.68 7.52 20.41
C ALA A 258 10.41 6.04 20.22
N PRO A 259 9.53 5.67 19.31
CA PRO A 259 9.30 4.24 19.04
C PRO A 259 10.51 3.64 18.36
N THR A 260 10.82 2.39 18.72
CA THR A 260 11.86 1.68 18.00
C THR A 260 11.42 1.42 16.57
N SER A 261 12.41 1.24 15.69
CA SER A 261 12.05 0.93 14.32
C SER A 261 11.32 -0.39 14.23
N GLU A 262 11.55 -1.30 15.20
CA GLU A 262 10.80 -2.55 15.24
C GLU A 262 9.35 -2.30 15.62
N MET A 263 9.12 -1.41 16.59
CA MET A 263 7.76 -0.99 16.92
C MET A 263 7.05 -0.42 15.69
N ILE A 264 7.73 0.49 14.98
CA ILE A 264 7.12 1.15 13.84
C ILE A 264 6.79 0.14 12.76
N GLU A 265 7.68 -0.83 12.54
CA GLU A 265 7.50 -1.81 11.49
C GLU A 265 6.36 -2.77 11.84
N ARG A 266 6.35 -3.26 13.09
CA ARG A 266 5.30 -4.18 13.48
C ARG A 266 3.94 -3.48 13.48
N GLN A 267 3.91 -2.20 13.84
CA GLN A 267 2.66 -1.42 13.80
C GLN A 267 2.14 -1.30 12.38
N ALA A 268 3.03 -1.02 11.41
CA ALA A 268 2.62 -1.00 10.02
C ALA A 268 2.01 -2.33 9.61
N GLU A 269 2.66 -3.44 9.97
CA GLU A 269 2.11 -4.76 9.65
C GLU A 269 0.77 -4.96 10.33
N ARG A 270 0.70 -4.62 11.62
CA ARG A 270 -0.54 -4.80 12.38
C ARG A 270 -1.69 -4.00 11.77
N TYR A 271 -1.41 -2.76 11.36
CA TYR A 271 -2.46 -1.95 10.75
C TYR A 271 -2.86 -2.49 9.38
N GLY A 272 -1.89 -2.97 8.60
CA GLY A 272 -2.23 -3.60 7.34
C GLY A 272 -3.14 -4.81 7.53
N GLN A 273 -2.79 -5.68 8.49
CA GLN A 273 -3.59 -6.88 8.71
C GLN A 273 -5.00 -6.51 9.14
N ILE A 274 -5.11 -5.55 10.04
CA ILE A 274 -6.38 -5.15 10.63
C ILE A 274 -7.33 -4.62 9.55
N PHE A 275 -6.83 -3.72 8.70
CA PHE A 275 -7.67 -3.15 7.64
C PHE A 275 -7.95 -4.17 6.53
N ALA A 276 -7.04 -5.13 6.32
CA ALA A 276 -7.37 -6.24 5.44
C ALA A 276 -8.58 -6.98 6.00
N LEU A 277 -8.54 -7.29 7.30
CA LEU A 277 -9.67 -7.95 7.94
C LEU A 277 -10.95 -7.10 7.87
N PHE A 278 -10.85 -5.78 8.12
CA PHE A 278 -12.03 -4.92 8.02
C PHE A 278 -12.62 -4.94 6.61
N LYS A 279 -11.77 -4.78 5.59
CA LYS A 279 -12.25 -4.78 4.20
C LYS A 279 -12.95 -6.10 3.90
N GLU A 280 -12.40 -7.21 4.38
CA GLU A 280 -13.05 -8.51 4.20
C GLU A 280 -14.46 -8.51 4.78
N TYR A 281 -14.68 -7.83 5.90
CA TYR A 281 -16.01 -7.76 6.50
C TYR A 281 -16.73 -6.44 6.18
N ARG A 282 -16.44 -5.87 5.00
CA ARG A 282 -17.06 -4.62 4.59
C ARG A 282 -18.59 -4.68 4.62
N ASP A 283 -19.18 -5.87 4.44
CA ASP A 283 -20.63 -5.97 4.42
C ASP A 283 -21.25 -5.71 5.79
N VAL A 284 -20.52 -5.88 6.89
CA VAL A 284 -21.08 -5.62 8.21
C VAL A 284 -20.41 -4.46 8.93
N ILE A 285 -19.23 -4.03 8.51
CA ILE A 285 -18.60 -2.86 9.09
C ILE A 285 -18.95 -1.66 8.23
N GLN A 286 -19.56 -0.65 8.83
CA GLN A 286 -19.96 0.52 8.08
C GLN A 286 -19.12 1.75 8.39
N SER A 287 -18.26 1.70 9.40
CA SER A 287 -17.50 2.89 9.79
C SER A 287 -16.33 2.47 10.67
N VAL A 288 -15.19 3.10 10.43
CA VAL A 288 -13.97 2.87 11.20
C VAL A 288 -13.47 4.23 11.66
N THR A 289 -13.55 4.49 12.96
CA THR A 289 -13.13 5.75 13.56
C THR A 289 -11.88 5.51 14.40
N PHE A 290 -10.84 6.30 14.13
CA PHE A 290 -9.67 6.35 15.00
C PHE A 290 -9.94 7.25 16.21
N TRP A 291 -9.42 6.88 17.36
CA TRP A 291 -9.53 7.76 18.52
C TRP A 291 -8.45 8.85 18.47
N GLY A 292 -8.58 9.72 17.46
CA GLY A 292 -7.60 10.72 17.11
C GLY A 292 -7.33 10.65 15.63
N ILE A 293 -6.24 11.27 15.17
CA ILE A 293 -5.86 11.08 13.78
C ILE A 293 -4.35 11.09 13.55
N ALA A 294 -3.60 11.86 14.35
CA ALA A 294 -2.15 11.89 14.21
C ALA A 294 -1.50 11.83 15.60
N ASP A 295 -0.23 11.45 15.63
CA ASP A 295 0.40 11.14 16.91
C ASP A 295 0.69 12.38 17.76
N ASP A 296 0.46 13.60 17.26
CA ASP A 296 0.61 14.76 18.13
C ASP A 296 -0.52 14.90 19.15
N HIS A 297 -1.62 14.19 18.99
CA HIS A 297 -2.63 14.15 20.05
C HIS A 297 -3.18 12.74 20.18
N THR A 298 -2.99 12.14 21.34
CA THR A 298 -3.59 10.85 21.65
C THR A 298 -3.74 10.74 23.16
N TRP A 299 -4.91 10.27 23.58
CA TRP A 299 -5.14 10.01 24.99
C TRP A 299 -4.19 8.96 25.53
N LEU A 300 -3.54 8.17 24.65
CA LEU A 300 -2.62 7.14 25.10
C LEU A 300 -1.31 7.72 25.62
N ASP A 301 -1.02 9.00 25.36
CA ASP A 301 0.08 9.68 26.03
C ASP A 301 -0.05 9.60 27.55
N ASN A 302 -1.28 9.64 28.06
CA ASN A 302 -1.47 9.68 29.50
C ASN A 302 -2.27 8.53 30.06
N PHE A 303 -2.69 7.60 29.22
CA PHE A 303 -3.36 6.41 29.73
C PHE A 303 -2.77 5.20 29.03
N PRO A 304 -2.51 4.12 29.78
CA PRO A 304 -2.71 4.02 31.25
C PRO A 304 -1.56 4.53 32.10
N VAL A 305 -0.53 5.10 31.47
CA VAL A 305 0.61 5.67 32.17
C VAL A 305 0.55 7.17 31.98
N HIS A 306 0.42 7.91 33.07
CA HIS A 306 0.43 9.36 32.94
C HIS A 306 1.80 9.86 32.52
N GLY A 307 1.82 10.81 31.60
CA GLY A 307 3.02 11.56 31.32
C GLY A 307 4.04 10.89 30.43
N ARG A 308 3.65 9.90 29.65
CA ARG A 308 4.58 9.37 28.67
C ARG A 308 4.13 9.76 27.27
N LYS A 309 4.68 9.10 26.26
CA LYS A 309 4.34 9.38 24.89
C LYS A 309 4.07 8.07 24.17
N ASN A 310 3.02 8.06 23.35
CA ASN A 310 2.65 6.92 22.56
C ASN A 310 2.55 7.36 21.10
N TRP A 311 2.58 6.40 20.19
CA TRP A 311 2.60 6.69 18.75
C TRP A 311 1.65 5.73 18.06
N PRO A 312 0.34 5.94 18.23
CA PRO A 312 -0.65 4.90 17.93
C PRO A 312 -1.38 5.01 16.60
N LEU A 313 -1.15 6.06 15.82
CA LEU A 313 -2.02 6.39 14.70
C LEU A 313 -1.25 6.31 13.37
N LEU A 314 -1.95 6.66 12.28
CA LEU A 314 -1.40 6.53 10.93
C LEU A 314 -0.50 7.69 10.50
N PHE A 315 -0.54 8.82 11.21
CA PHE A 315 0.29 9.97 10.90
C PHE A 315 1.11 10.36 12.13
N ASP A 316 2.31 10.87 11.90
CA ASP A 316 3.17 11.22 13.02
C ASP A 316 2.84 12.62 13.53
N GLU A 317 3.63 13.09 14.49
CA GLU A 317 3.37 14.39 15.11
C GLU A 317 3.54 15.55 14.14
N GLN A 318 4.25 15.34 13.05
CA GLN A 318 4.33 16.35 12.00
C GLN A 318 3.26 16.14 10.94
N HIS A 319 2.28 15.28 11.19
CA HIS A 319 1.16 14.99 10.27
C HIS A 319 1.65 14.33 8.99
N LYS A 320 2.79 13.67 9.02
CA LYS A 320 3.28 12.95 7.86
C LYS A 320 2.90 11.48 7.95
N PRO A 321 2.58 10.85 6.82
CA PRO A 321 2.17 9.44 6.85
C PRO A 321 3.27 8.55 7.43
N LYS A 322 2.87 7.69 8.35
CA LYS A 322 3.75 6.69 8.90
C LYS A 322 3.75 5.48 7.99
N PRO A 323 4.71 4.55 8.18
CA PRO A 323 4.64 3.29 7.42
C PRO A 323 3.33 2.55 7.60
N ALA A 324 2.69 2.64 8.76
CA ALA A 324 1.36 2.04 8.92
C ALA A 324 0.37 2.61 7.92
N PHE A 325 0.50 3.90 7.57
CA PHE A 325 -0.42 4.49 6.59
C PHE A 325 -0.37 3.74 5.27
N TRP A 326 0.84 3.44 4.79
CA TRP A 326 0.98 2.86 3.45
C TRP A 326 0.43 1.44 3.41
N ARG A 327 0.69 0.64 4.46
N ARG A 327 0.69 0.64 4.46
CA ARG A 327 0.10 -0.70 4.50
CA ARG A 327 0.10 -0.69 4.51
C ARG A 327 -1.42 -0.62 4.61
C ARG A 327 -1.42 -0.61 4.60
N ALA A 328 -1.94 0.28 5.45
CA ALA A 328 -3.38 0.38 5.64
C ALA A 328 -4.12 0.70 4.35
N VAL A 329 -3.61 1.65 3.55
CA VAL A 329 -4.34 2.04 2.34
C VAL A 329 -4.12 1.08 1.19
N SER A 330 -3.30 0.06 1.36
CA SER A 330 -2.94 -0.78 0.23
C SER A 330 -3.52 -2.18 0.31
N VAL A 331 -4.44 -2.42 1.24
CA VAL A 331 -5.12 -3.70 1.36
C VAL A 331 -6.19 -3.82 0.29
N SER B 4 5.42 -11.68 7.35
CA SER B 4 5.94 -11.73 5.98
C SER B 4 5.17 -10.76 5.06
N LEU B 5 5.84 -10.32 4.00
CA LEU B 5 5.24 -9.44 3.01
C LEU B 5 4.52 -10.25 1.93
N PRO B 6 3.56 -9.63 1.22
CA PRO B 6 3.12 -10.21 -0.06
C PRO B 6 4.31 -10.42 -0.99
N SER B 7 4.24 -11.48 -1.77
CA SER B 7 5.28 -11.82 -2.73
C SER B 7 4.90 -11.25 -4.09
N LEU B 8 5.79 -10.43 -4.66
CA LEU B 8 5.48 -9.77 -5.92
C LEU B 8 5.01 -10.74 -6.99
N ARG B 9 5.73 -11.86 -7.18
CA ARG B 9 5.31 -12.82 -8.20
C ARG B 9 3.96 -13.42 -7.88
N ASP B 10 3.65 -13.60 -6.59
CA ASP B 10 2.34 -14.12 -6.19
C ASP B 10 1.24 -13.09 -6.43
N VAL B 11 1.47 -11.84 -6.02
CA VAL B 11 0.49 -10.78 -6.26
C VAL B 11 0.10 -10.71 -7.73
N PHE B 12 1.07 -10.88 -8.64
CA PHE B 12 0.81 -10.72 -10.06
C PHE B 12 0.76 -12.05 -10.82
N ALA B 13 0.67 -13.16 -10.11
CA ALA B 13 0.62 -14.52 -10.66
C ALA B 13 -0.23 -14.66 -11.91
N ASN B 14 -1.40 -14.04 -11.95
CA ASN B 14 -2.24 -14.18 -13.13
C ASN B 14 -2.04 -13.07 -14.15
N ASP B 15 -1.09 -12.17 -13.92
CA ASP B 15 -0.89 -11.04 -14.81
C ASP B 15 0.39 -11.15 -15.60
N PHE B 16 1.52 -11.35 -14.93
CA PHE B 16 2.82 -11.40 -15.59
C PHE B 16 3.85 -11.81 -14.55
N ARG B 17 4.99 -12.28 -15.03
CA ARG B 17 6.12 -12.59 -14.17
C ARG B 17 6.77 -11.30 -13.67
N ILE B 18 7.43 -11.40 -12.54
CA ILE B 18 8.14 -10.29 -11.94
C ILE B 18 9.63 -10.63 -11.95
N GLY B 19 10.43 -9.77 -12.59
CA GLY B 19 11.84 -10.06 -12.73
C GLY B 19 12.78 -9.02 -12.17
N ALA B 20 14.05 -9.39 -11.99
CA ALA B 20 15.09 -8.46 -11.57
C ALA B 20 16.37 -8.68 -12.37
N ALA B 21 17.06 -7.57 -12.72
CA ALA B 21 18.42 -7.66 -13.27
C ALA B 21 19.39 -7.89 -12.13
N VAL B 22 20.32 -8.82 -12.31
CA VAL B 22 21.24 -9.23 -11.25
C VAL B 22 22.63 -9.42 -11.84
N ASN B 23 23.59 -9.48 -10.96
CA ASN B 23 24.92 -9.98 -11.29
C ASN B 23 25.30 -10.91 -10.14
N PRO B 24 26.38 -11.69 -10.22
CA PRO B 24 26.64 -12.63 -9.12
C PRO B 24 26.83 -11.96 -7.76
N VAL B 25 27.27 -10.70 -7.73
CA VAL B 25 27.43 -10.00 -6.44
C VAL B 25 26.07 -9.62 -5.86
N THR B 26 25.18 -9.02 -6.67
CA THR B 26 23.90 -8.62 -6.12
C THR B 26 23.01 -9.82 -5.82
N ILE B 27 23.22 -10.95 -6.50
CA ILE B 27 22.54 -12.18 -6.11
C ILE B 27 22.83 -12.50 -4.65
N GLU B 28 24.09 -12.34 -4.21
CA GLU B 28 24.40 -12.55 -2.80
C GLU B 28 23.86 -11.43 -1.93
N MET B 29 24.12 -10.18 -2.30
CA MET B 29 23.66 -9.04 -1.53
C MET B 29 22.14 -9.01 -1.37
N GLN B 30 21.40 -9.46 -2.39
CA GLN B 30 19.95 -9.31 -2.42
C GLN B 30 19.23 -10.65 -2.45
N LYS B 31 19.89 -11.71 -1.95
CA LYS B 31 19.41 -13.06 -2.19
C LYS B 31 17.97 -13.25 -1.68
N GLN B 32 17.71 -12.84 -0.44
CA GLN B 32 16.41 -13.16 0.14
C GLN B 32 15.27 -12.42 -0.57
N LEU B 33 15.49 -11.14 -0.91
CA LEU B 33 14.49 -10.40 -1.69
C LEU B 33 14.16 -11.14 -2.98
N LEU B 34 15.19 -11.61 -3.69
CA LEU B 34 14.96 -12.29 -4.96
C LEU B 34 14.20 -13.58 -4.73
N ILE B 35 14.67 -14.40 -3.80
CA ILE B 35 13.98 -15.63 -3.48
C ILE B 35 12.52 -15.34 -3.12
N ASP B 36 12.29 -14.28 -2.35
CA ASP B 36 10.94 -14.00 -1.87
C ASP B 36 10.04 -13.41 -2.96
N HIS B 37 10.57 -12.69 -3.95
CA HIS B 37 9.66 -11.89 -4.78
C HIS B 37 9.65 -12.20 -6.28
N VAL B 38 10.76 -12.58 -6.91
CA VAL B 38 10.79 -12.66 -8.37
C VAL B 38 10.62 -14.10 -8.84
N ASN B 39 10.09 -14.26 -10.06
CA ASN B 39 10.14 -15.54 -10.76
C ASN B 39 10.79 -15.40 -12.15
N SER B 40 11.63 -14.39 -12.33
CA SER B 40 12.38 -14.22 -13.55
C SER B 40 13.64 -13.44 -13.22
N ILE B 41 14.69 -13.67 -14.00
CA ILE B 41 16.01 -13.12 -13.72
C ILE B 41 16.62 -12.71 -15.05
N THR B 42 17.28 -11.56 -15.07
CA THR B 42 18.08 -11.12 -16.21
C THR B 42 19.48 -10.79 -15.70
N ALA B 43 20.49 -11.10 -16.52
CA ALA B 43 21.86 -10.71 -16.18
C ALA B 43 22.05 -9.24 -16.54
N GLU B 44 22.40 -8.42 -15.54
CA GLU B 44 22.52 -6.99 -15.80
C GLU B 44 23.64 -6.70 -16.80
N ASN B 45 24.73 -7.48 -16.76
CA ASN B 45 25.81 -7.29 -17.71
C ASN B 45 26.43 -8.58 -18.24
N HIS B 46 26.34 -9.71 -17.56
CA HIS B 46 27.27 -10.81 -17.80
C HIS B 46 26.82 -11.75 -18.92
N MET B 47 25.75 -11.43 -19.63
CA MET B 47 25.49 -12.09 -20.90
C MET B 47 25.62 -11.14 -22.08
N LYS B 48 26.22 -9.97 -21.87
CA LYS B 48 26.55 -9.13 -23.02
C LYS B 48 27.79 -9.66 -23.72
N PHE B 49 28.01 -9.20 -24.95
CA PHE B 49 29.06 -9.77 -25.78
C PHE B 49 30.43 -9.67 -25.10
N GLU B 50 30.75 -8.49 -24.56
CA GLU B 50 32.05 -8.31 -23.95
C GLU B 50 32.27 -9.21 -22.74
N HIS B 51 31.21 -9.71 -22.12
CA HIS B 51 31.35 -10.57 -20.95
C HIS B 51 31.20 -12.04 -21.27
N LEU B 52 30.80 -12.36 -22.50
CA LEU B 52 30.74 -13.74 -22.95
C LEU B 52 31.90 -14.12 -23.85
N GLN B 53 32.29 -13.26 -24.80
CA GLN B 53 33.37 -13.57 -25.73
C GLN B 53 34.33 -12.39 -25.79
N PRO B 54 35.13 -12.18 -24.72
CA PRO B 54 36.04 -11.01 -24.68
C PRO B 54 37.11 -11.03 -25.76
N GLU B 55 37.62 -12.21 -26.13
CA GLU B 55 38.47 -12.39 -27.31
C GLU B 55 37.83 -13.46 -28.17
N GLU B 56 38.09 -13.38 -29.49
CA GLU B 56 37.55 -14.37 -30.40
C GLU B 56 38.00 -15.77 -30.00
N GLY B 57 37.04 -16.65 -29.79
CA GLY B 57 37.32 -18.00 -29.37
C GLY B 57 37.54 -18.17 -27.88
N LYS B 58 37.54 -17.09 -27.11
CA LYS B 58 37.64 -17.18 -25.66
C LYS B 58 36.25 -16.88 -25.10
N PHE B 59 35.59 -17.91 -24.58
CA PHE B 59 34.26 -17.74 -24.00
C PHE B 59 34.37 -17.78 -22.48
N THR B 60 33.70 -16.83 -21.82
CA THR B 60 33.76 -16.66 -20.36
C THR B 60 32.34 -16.73 -19.80
N PHE B 61 31.84 -17.97 -19.65
CA PHE B 61 30.47 -18.22 -19.20
C PHE B 61 30.34 -18.31 -17.68
N GLN B 62 31.44 -18.20 -16.92
CA GLN B 62 31.39 -18.48 -15.50
C GLN B 62 30.33 -17.64 -14.79
N GLU B 63 30.38 -16.32 -14.98
CA GLU B 63 29.43 -15.44 -14.32
C GLU B 63 27.99 -15.69 -14.79
N ALA B 64 27.78 -15.81 -16.12
CA ALA B 64 26.43 -16.10 -16.60
C ALA B 64 25.94 -17.45 -16.07
N ASP B 65 26.81 -18.46 -16.00
CA ASP B 65 26.42 -19.76 -15.42
C ASP B 65 25.93 -19.60 -13.98
N ARG B 66 26.66 -18.82 -13.16
CA ARG B 66 26.26 -18.58 -11.78
C ARG B 66 24.87 -17.94 -11.71
N ILE B 67 24.55 -17.08 -12.67
CA ILE B 67 23.25 -16.43 -12.69
C ILE B 67 22.17 -17.43 -13.09
N VAL B 68 22.43 -18.25 -14.09
CA VAL B 68 21.48 -19.25 -14.54
C VAL B 68 21.31 -20.35 -13.48
N ASP B 69 22.41 -20.78 -12.85
CA ASP B 69 22.30 -21.79 -11.81
C ASP B 69 21.42 -21.31 -10.67
N PHE B 70 21.59 -20.03 -10.28
CA PHE B 70 20.78 -19.46 -9.21
C PHE B 70 19.30 -19.47 -9.59
N ALA B 71 18.98 -19.02 -10.80
CA ALA B 71 17.58 -18.92 -11.20
C ALA B 71 16.94 -20.30 -11.26
N CYS B 72 17.59 -21.23 -11.97
CA CYS B 72 17.03 -22.57 -12.15
C CYS B 72 16.85 -23.29 -10.82
N SER B 73 17.74 -23.06 -9.87
CA SER B 73 17.59 -23.67 -8.56
C SER B 73 16.52 -23.01 -7.69
N HIS B 74 15.90 -21.92 -8.14
CA HIS B 74 14.77 -21.32 -7.44
C HIS B 74 13.54 -21.19 -8.33
N ARG B 75 13.39 -22.09 -9.30
CA ARG B 75 12.41 -22.02 -10.39
C ARG B 75 12.09 -20.58 -10.80
N MET B 76 13.14 -19.84 -11.17
CA MET B 76 13.01 -18.56 -11.84
C MET B 76 13.32 -18.74 -13.32
N ALA B 77 12.53 -18.09 -14.18
CA ALA B 77 12.89 -18.06 -15.58
C ALA B 77 14.03 -17.07 -15.81
N VAL B 78 14.62 -17.11 -17.01
CA VAL B 78 15.76 -16.27 -17.35
C VAL B 78 15.54 -15.63 -18.71
N ARG B 79 15.65 -14.31 -18.76
CA ARG B 79 15.73 -13.58 -20.02
C ARG B 79 17.20 -13.42 -20.41
N GLY B 80 17.53 -13.78 -21.65
CA GLY B 80 18.88 -13.56 -22.16
C GLY B 80 19.09 -12.14 -22.64
N HIS B 81 20.16 -11.49 -22.16
CA HIS B 81 20.44 -10.10 -22.51
C HIS B 81 21.95 -9.89 -22.60
N THR B 82 22.48 -9.56 -23.78
CA THR B 82 21.77 -9.36 -25.06
C THR B 82 22.80 -9.73 -26.13
N LEU B 83 22.35 -10.12 -27.33
CA LEU B 83 23.24 -10.71 -28.33
C LEU B 83 23.92 -9.66 -29.19
N VAL B 84 23.13 -8.79 -29.85
CA VAL B 84 23.68 -7.84 -30.81
C VAL B 84 23.27 -6.44 -30.38
N TRP B 85 24.27 -5.62 -30.05
CA TRP B 85 24.12 -4.29 -29.47
C TRP B 85 25.36 -3.47 -29.85
N HIS B 86 25.16 -2.19 -30.16
CA HIS B 86 26.32 -1.33 -30.42
C HIS B 86 27.19 -1.18 -29.17
N ASN B 87 26.60 -1.30 -27.98
CA ASN B 87 27.37 -1.13 -26.75
C ASN B 87 27.93 -2.44 -26.25
N GLN B 88 28.95 -2.32 -25.41
CA GLN B 88 29.56 -3.44 -24.69
C GLN B 88 29.83 -4.61 -25.63
N THR B 89 30.39 -4.27 -26.79
CA THR B 89 30.85 -5.26 -27.76
C THR B 89 32.31 -4.98 -28.03
N PRO B 90 33.21 -5.94 -27.79
CA PRO B 90 34.65 -5.70 -27.97
C PRO B 90 35.01 -5.29 -29.40
N ASP B 91 36.14 -4.59 -29.50
CA ASP B 91 36.60 -4.09 -30.80
C ASP B 91 36.95 -5.21 -31.77
N TRP B 92 37.46 -6.34 -31.27
CA TRP B 92 37.93 -7.39 -32.17
C TRP B 92 36.84 -7.84 -33.14
N VAL B 93 35.58 -7.77 -32.71
CA VAL B 93 34.46 -8.28 -33.51
C VAL B 93 34.48 -7.69 -34.91
N PHE B 94 34.84 -6.42 -35.03
CA PHE B 94 34.71 -5.71 -36.29
C PHE B 94 36.02 -5.64 -37.09
N GLN B 95 37.15 -6.03 -36.50
CA GLN B 95 38.47 -5.83 -37.10
C GLN B 95 39.09 -7.14 -37.58
N ASP B 96 39.95 -7.03 -38.60
CA ASP B 96 40.81 -8.12 -39.02
C ASP B 96 42.17 -7.99 -38.33
N GLY B 97 43.15 -8.77 -38.78
CA GLY B 97 44.47 -8.71 -38.17
C GLY B 97 45.06 -7.32 -38.19
N GLN B 98 44.81 -6.57 -39.27
CA GLN B 98 45.40 -5.25 -39.49
C GLN B 98 44.54 -4.12 -38.95
N GLY B 99 43.53 -4.44 -38.14
CA GLY B 99 42.65 -3.43 -37.57
C GLY B 99 41.67 -2.80 -38.54
N HIS B 100 41.71 -3.16 -39.82
CA HIS B 100 40.70 -2.74 -40.77
C HIS B 100 39.37 -3.44 -40.48
N PHE B 101 38.30 -2.86 -41.01
CA PHE B 101 36.97 -3.43 -40.81
C PHE B 101 36.80 -4.68 -41.66
N VAL B 102 36.26 -5.73 -41.06
CA VAL B 102 36.04 -6.97 -41.78
C VAL B 102 34.91 -6.77 -42.77
N SER B 103 34.74 -7.74 -43.65
CA SER B 103 33.68 -7.72 -44.65
C SER B 103 32.34 -8.05 -44.00
N ARG B 104 31.27 -7.89 -44.79
CA ARG B 104 29.95 -8.35 -44.37
C ARG B 104 29.95 -9.84 -44.04
N ASP B 105 30.56 -10.66 -44.90
CA ASP B 105 30.46 -12.10 -44.72
C ASP B 105 31.22 -12.54 -43.47
N VAL B 106 32.36 -11.93 -43.18
CA VAL B 106 33.10 -12.29 -41.98
C VAL B 106 32.33 -11.88 -40.73
N LEU B 107 31.75 -10.68 -40.73
CA LEU B 107 30.99 -10.25 -39.57
C LEU B 107 29.79 -11.16 -39.34
N LEU B 108 29.09 -11.54 -40.41
CA LEU B 108 27.99 -12.48 -40.24
C LEU B 108 28.47 -13.81 -39.69
N GLU B 109 29.63 -14.31 -40.14
CA GLU B 109 30.16 -15.56 -39.59
C GLU B 109 30.47 -15.41 -38.10
N ARG B 110 31.10 -14.29 -37.72
CA ARG B 110 31.39 -14.05 -36.31
C ARG B 110 30.11 -13.89 -35.50
N MET B 111 29.13 -13.14 -36.02
CA MET B 111 27.87 -12.98 -35.31
C MET B 111 27.19 -14.32 -35.11
N LYS B 112 27.14 -15.13 -36.16
CA LYS B 112 26.52 -16.45 -36.08
C LYS B 112 27.21 -17.34 -35.07
N CYS B 113 28.55 -17.35 -35.08
CA CYS B 113 29.25 -18.26 -34.18
C CYS B 113 29.01 -17.86 -32.72
N HIS B 114 29.05 -16.55 -32.44
CA HIS B 114 28.73 -16.07 -31.10
C HIS B 114 27.31 -16.45 -30.69
N ILE B 115 26.33 -16.10 -31.55
CA ILE B 115 24.93 -16.37 -31.20
C ILE B 115 24.72 -17.86 -30.99
N SER B 116 25.30 -18.69 -31.85
N SER B 116 25.30 -18.69 -31.85
CA SER B 116 25.08 -20.14 -31.76
CA SER B 116 25.10 -20.14 -31.77
C SER B 116 25.68 -20.71 -30.48
C SER B 116 25.68 -20.70 -30.48
N THR B 117 26.92 -20.35 -30.17
CA THR B 117 27.57 -20.88 -28.97
C THR B 117 26.80 -20.44 -27.72
N VAL B 118 26.44 -19.16 -27.64
CA VAL B 118 25.84 -18.62 -26.44
C VAL B 118 24.43 -19.17 -26.26
N VAL B 119 23.64 -19.17 -27.33
CA VAL B 119 22.25 -19.59 -27.20
C VAL B 119 22.18 -21.07 -26.88
N ARG B 120 22.97 -21.89 -27.60
CA ARG B 120 22.93 -23.34 -27.41
C ARG B 120 23.30 -23.72 -25.98
N ARG B 121 24.27 -23.00 -25.39
CA ARG B 121 24.71 -23.37 -24.05
C ARG B 121 23.55 -23.30 -23.05
N TYR B 122 22.64 -22.35 -23.23
CA TYR B 122 21.54 -22.16 -22.30
C TYR B 122 20.19 -22.63 -22.84
N LYS B 123 20.17 -23.32 -23.98
CA LYS B 123 18.93 -23.88 -24.52
C LYS B 123 18.20 -24.68 -23.44
N GLY B 124 16.88 -24.50 -23.38
CA GLY B 124 16.07 -25.12 -22.35
C GLY B 124 16.10 -24.45 -20.99
N LYS B 125 17.06 -23.55 -20.73
CA LYS B 125 17.07 -22.83 -19.47
C LYS B 125 16.71 -21.36 -19.61
N ILE B 126 17.04 -20.75 -20.75
CA ILE B 126 16.71 -19.36 -21.04
C ILE B 126 15.55 -19.39 -22.02
N TYR B 127 14.43 -18.80 -21.66
CA TYR B 127 13.28 -18.93 -22.52
C TYR B 127 13.14 -17.80 -23.54
N CYS B 128 13.85 -16.69 -23.37
CA CYS B 128 13.78 -15.63 -24.36
C CYS B 128 15.12 -14.88 -24.42
N TRP B 129 15.36 -14.22 -25.54
CA TRP B 129 16.62 -13.53 -25.79
C TRP B 129 16.33 -12.15 -26.34
N ASP B 130 17.00 -11.13 -25.79
CA ASP B 130 17.06 -9.82 -26.42
C ASP B 130 18.07 -9.93 -27.57
N VAL B 131 17.57 -10.19 -28.78
CA VAL B 131 18.49 -10.41 -29.89
C VAL B 131 19.11 -9.10 -30.34
N ILE B 132 18.29 -8.07 -30.52
CA ILE B 132 18.76 -6.76 -30.93
C ILE B 132 18.41 -5.79 -29.81
N ASN B 133 19.40 -4.99 -29.39
CA ASN B 133 19.21 -4.00 -28.36
C ASN B 133 19.42 -2.61 -28.96
N GLU B 134 18.40 -1.76 -28.86
CA GLU B 134 18.55 -0.30 -29.02
C GLU B 134 19.11 0.08 -30.40
N ALA B 135 18.50 -0.45 -31.46
CA ALA B 135 18.92 -0.15 -32.83
C ALA B 135 18.30 1.13 -33.39
N VAL B 136 17.16 1.57 -32.85
CA VAL B 136 16.47 2.76 -33.34
C VAL B 136 17.18 4.03 -32.89
N ALA B 137 17.18 5.04 -33.77
CA ALA B 137 17.92 6.27 -33.51
C ALA B 137 17.24 7.12 -32.44
N ASP B 138 18.05 7.93 -31.75
CA ASP B 138 17.53 8.73 -30.64
C ASP B 138 16.72 9.94 -31.12
N GLU B 139 17.29 10.75 -32.02
CA GLU B 139 16.57 11.84 -32.65
C GLU B 139 16.75 11.74 -34.15
N GLY B 140 15.95 12.50 -34.88
CA GLY B 140 16.13 12.64 -36.31
C GLY B 140 15.04 11.96 -37.11
N ASN B 141 15.31 11.83 -38.42
CA ASN B 141 14.36 11.28 -39.36
C ASN B 141 14.67 9.85 -39.77
N GLU B 142 15.89 9.38 -39.57
CA GLU B 142 16.22 8.01 -39.94
C GLU B 142 15.74 7.04 -38.86
N LEU B 143 15.36 5.84 -39.31
CA LEU B 143 14.93 4.79 -38.39
C LEU B 143 16.06 4.39 -37.44
N LEU B 144 17.21 4.05 -38.00
CA LEU B 144 18.27 3.35 -37.30
C LEU B 144 19.41 4.29 -36.94
N ARG B 145 19.99 4.09 -35.75
CA ARG B 145 21.25 4.73 -35.46
C ARG B 145 22.37 4.06 -36.26
N PRO B 146 23.45 4.77 -36.54
CA PRO B 146 24.61 4.12 -37.13
C PRO B 146 25.29 3.23 -36.11
N SER B 147 25.97 2.20 -36.60
CA SER B 147 26.70 1.28 -35.76
C SER B 147 27.60 0.46 -36.66
N LYS B 148 28.64 -0.11 -36.05
CA LYS B 148 29.58 -0.92 -36.79
C LYS B 148 28.94 -2.21 -37.31
N TRP B 149 28.01 -2.79 -36.55
CA TRP B 149 27.21 -3.89 -37.07
C TRP B 149 26.55 -3.49 -38.38
N ARG B 150 25.86 -2.36 -38.35
CA ARG B 150 25.05 -1.94 -39.49
C ARG B 150 25.94 -1.49 -40.64
N GLN B 151 26.99 -0.75 -40.34
CA GLN B 151 27.90 -0.26 -41.37
C GLN B 151 28.52 -1.40 -42.15
N ILE B 152 28.98 -2.44 -41.46
CA ILE B 152 29.68 -3.52 -42.13
C ILE B 152 28.70 -4.49 -42.79
N ILE B 153 27.67 -4.93 -42.06
CA ILE B 153 26.75 -5.91 -42.63
C ILE B 153 25.79 -5.28 -43.62
N GLY B 154 25.28 -4.10 -43.31
CA GLY B 154 24.14 -3.52 -44.01
C GLY B 154 22.90 -3.56 -43.12
N ASP B 155 21.81 -2.99 -43.65
CA ASP B 155 20.63 -2.77 -42.82
C ASP B 155 19.86 -4.05 -42.51
N ASP B 156 20.21 -5.17 -43.11
CA ASP B 156 19.59 -6.44 -42.79
C ASP B 156 20.31 -7.16 -41.66
N PHE B 157 21.18 -6.47 -40.92
CA PHE B 157 21.91 -7.15 -39.86
C PHE B 157 20.96 -7.69 -38.81
N MET B 158 19.84 -7.01 -38.58
CA MET B 158 18.89 -7.46 -37.58
C MET B 158 18.20 -8.75 -38.00
N GLU B 159 17.77 -8.85 -39.27
CA GLU B 159 17.18 -10.10 -39.75
C GLU B 159 18.15 -11.25 -39.55
N GLN B 160 19.42 -11.05 -39.92
CA GLN B 160 20.42 -12.09 -39.77
C GLN B 160 20.53 -12.52 -38.31
N ALA B 161 20.62 -11.55 -37.39
CA ALA B 161 20.75 -11.90 -35.98
C ALA B 161 19.55 -12.72 -35.50
N PHE B 162 18.34 -12.33 -35.90
CA PHE B 162 17.16 -13.06 -35.47
C PHE B 162 17.15 -14.48 -36.05
N LEU B 163 17.54 -14.63 -37.32
CA LEU B 163 17.57 -15.96 -37.93
C LEU B 163 18.58 -16.85 -37.24
N TYR B 164 19.77 -16.32 -36.99
CA TYR B 164 20.80 -17.08 -36.28
C TYR B 164 20.32 -17.50 -34.90
N ALA B 165 19.66 -16.60 -34.17
CA ALA B 165 19.14 -16.96 -32.86
C ALA B 165 18.10 -18.06 -32.98
N TYR B 166 17.15 -17.90 -33.91
CA TYR B 166 16.09 -18.88 -34.10
C TYR B 166 16.67 -20.27 -34.37
N GLU B 167 17.64 -20.34 -35.28
CA GLU B 167 18.24 -21.61 -35.63
C GLU B 167 18.95 -22.26 -34.43
N ALA B 168 19.49 -21.45 -33.52
CA ALA B 168 20.19 -22.00 -32.37
C ALA B 168 19.22 -22.56 -31.33
N ASP B 169 18.06 -21.92 -31.17
CA ASP B 169 17.02 -22.42 -30.27
C ASP B 169 15.66 -22.03 -30.82
N PRO B 170 15.04 -22.89 -31.63
CA PRO B 170 13.72 -22.55 -32.21
C PRO B 170 12.61 -22.43 -31.19
N ASP B 171 12.85 -22.79 -29.93
CA ASP B 171 11.85 -22.64 -28.87
C ASP B 171 11.95 -21.33 -28.12
N ALA B 172 13.04 -20.58 -28.27
CA ALA B 172 13.19 -19.34 -27.52
C ALA B 172 12.35 -18.25 -28.14
N LEU B 173 11.73 -17.43 -27.29
CA LEU B 173 11.08 -16.21 -27.74
C LEU B 173 12.12 -15.13 -28.00
N LEU B 174 12.09 -14.55 -29.20
CA LEU B 174 13.10 -13.60 -29.65
C LEU B 174 12.52 -12.19 -29.64
N PHE B 175 13.28 -11.24 -29.06
CA PHE B 175 12.80 -9.89 -28.78
C PHE B 175 13.68 -8.83 -29.42
N TYR B 176 13.03 -7.75 -29.87
CA TYR B 176 13.66 -6.45 -30.05
C TYR B 176 13.43 -5.62 -28.79
N ASN B 177 14.50 -5.02 -28.25
CA ASN B 177 14.46 -4.35 -26.95
C ASN B 177 14.98 -2.93 -27.10
N ASP B 178 14.31 -1.96 -26.46
CA ASP B 178 14.65 -0.55 -26.63
C ASP B 178 14.08 0.29 -25.50
N TYR B 179 14.64 1.49 -25.34
CA TYR B 179 14.24 2.48 -24.34
C TYR B 179 13.57 3.67 -25.03
N ASN B 180 13.02 4.57 -24.19
CA ASN B 180 12.20 5.69 -24.67
C ASN B 180 11.12 5.20 -25.62
N GLU B 181 10.63 3.99 -25.33
CA GLU B 181 9.71 3.28 -26.19
C GLU B 181 8.30 3.88 -26.22
N CYS B 182 8.00 4.86 -25.36
CA CYS B 182 6.67 5.45 -25.32
C CYS B 182 6.64 6.88 -25.82
N PHE B 183 7.77 7.45 -26.16
CA PHE B 183 7.75 8.75 -26.80
C PHE B 183 7.28 8.56 -28.22
N PRO B 184 6.23 9.25 -28.66
CA PRO B 184 5.53 8.86 -29.89
C PRO B 184 6.42 8.72 -31.13
N GLU B 185 7.34 9.66 -31.34
CA GLU B 185 8.21 9.58 -32.51
C GLU B 185 9.06 8.32 -32.49
N LYS B 186 9.65 7.98 -31.34
CA LYS B 186 10.42 6.75 -31.26
C LYS B 186 9.52 5.53 -31.28
N ARG B 187 8.37 5.60 -30.60
CA ARG B 187 7.42 4.49 -30.62
C ARG B 187 7.06 4.11 -32.06
N GLU B 188 6.91 5.09 -32.93
CA GLU B 188 6.52 4.81 -34.30
C GLU B 188 7.65 4.17 -35.08
N LYS B 189 8.89 4.62 -34.85
CA LYS B 189 10.04 3.99 -35.48
C LYS B 189 10.18 2.53 -35.02
N ILE B 190 10.01 2.28 -33.73
CA ILE B 190 10.12 0.91 -33.24
C ILE B 190 9.01 0.05 -33.83
N PHE B 191 7.79 0.61 -33.91
CA PHE B 191 6.69 -0.07 -34.57
C PHE B 191 7.02 -0.36 -36.03
N ALA B 192 7.49 0.65 -36.76
CA ALA B 192 7.80 0.47 -38.18
C ALA B 192 8.87 -0.60 -38.36
N LEU B 193 9.90 -0.60 -37.52
CA LEU B 193 10.98 -1.59 -37.64
C LEU B 193 10.45 -3.00 -37.42
N VAL B 194 9.73 -3.22 -36.32
CA VAL B 194 9.28 -4.57 -35.97
C VAL B 194 8.27 -5.09 -36.99
N LYS B 195 7.39 -4.20 -37.47
CA LYS B 195 6.43 -4.61 -38.50
C LYS B 195 7.17 -5.12 -39.73
N SER B 196 8.18 -4.38 -40.16
CA SER B 196 8.95 -4.76 -41.33
C SER B 196 9.55 -6.15 -41.17
N LEU B 197 10.14 -6.43 -40.01
CA LEU B 197 10.71 -7.77 -39.82
C LEU B 197 9.62 -8.83 -39.72
N ARG B 198 8.51 -8.51 -39.05
CA ARG B 198 7.39 -9.44 -38.98
C ARG B 198 6.86 -9.76 -40.36
N ASP B 199 6.63 -8.72 -41.17
CA ASP B 199 6.08 -8.93 -42.51
C ASP B 199 7.02 -9.76 -43.38
N LYS B 200 8.34 -9.61 -43.21
CA LYS B 200 9.28 -10.42 -43.98
C LYS B 200 9.38 -11.86 -43.48
N GLY B 201 8.60 -12.24 -42.48
CA GLY B 201 8.69 -13.58 -41.95
C GLY B 201 9.84 -13.83 -40.99
N ILE B 202 10.51 -12.78 -40.54
CA ILE B 202 11.63 -12.94 -39.59
C ILE B 202 11.08 -13.47 -38.27
N PRO B 203 11.74 -14.44 -37.64
CA PRO B 203 11.26 -14.95 -36.34
C PRO B 203 11.51 -13.99 -35.19
N ILE B 204 10.79 -12.87 -35.17
CA ILE B 204 10.81 -11.95 -34.04
C ILE B 204 9.47 -12.09 -33.33
N HIS B 205 9.52 -12.43 -32.05
CA HIS B 205 8.31 -12.76 -31.33
C HIS B 205 7.88 -11.73 -30.29
N GLY B 206 8.77 -10.85 -29.85
CA GLY B 206 8.44 -9.95 -28.75
C GLY B 206 9.11 -8.61 -28.87
N ILE B 207 8.49 -7.63 -28.21
CA ILE B 207 9.06 -6.30 -28.05
C ILE B 207 9.35 -6.13 -26.58
N GLY B 208 10.57 -5.70 -26.26
CA GLY B 208 10.96 -5.41 -24.90
C GLY B 208 10.89 -3.91 -24.69
N MET B 209 10.02 -3.48 -23.77
CA MET B 209 9.93 -2.09 -23.35
C MET B 209 10.80 -1.93 -22.11
N GLN B 210 11.93 -1.24 -22.27
CA GLN B 210 12.86 -1.11 -21.15
C GLN B 210 12.22 -0.38 -19.98
N ALA B 211 11.41 0.66 -20.26
CA ALA B 211 10.68 1.42 -19.24
C ALA B 211 11.61 2.06 -18.21
N HIS B 212 12.64 2.75 -18.70
CA HIS B 212 13.45 3.61 -17.85
C HIS B 212 12.76 4.96 -17.75
N TRP B 213 11.98 5.16 -16.70
CA TRP B 213 11.01 6.23 -16.66
C TRP B 213 11.30 7.19 -15.50
N SER B 214 10.67 8.36 -15.57
CA SER B 214 10.73 9.37 -14.52
C SER B 214 9.39 9.42 -13.78
N LEU B 215 9.28 10.36 -12.84
CA LEU B 215 8.04 10.51 -12.09
C LEU B 215 6.91 11.01 -12.97
N THR B 216 7.23 11.66 -14.11
CA THR B 216 6.22 12.21 -15.00
C THR B 216 6.33 11.75 -16.46
N ARG B 217 7.49 11.29 -16.91
CA ARG B 217 7.61 10.96 -18.33
C ARG B 217 8.02 9.50 -18.49
N PRO B 218 7.37 8.75 -19.39
CA PRO B 218 6.25 9.22 -20.21
C PRO B 218 4.97 9.34 -19.40
N SER B 219 3.96 9.96 -20.00
CA SER B 219 2.66 10.06 -19.39
C SER B 219 1.92 8.74 -19.51
N LEU B 220 0.97 8.53 -18.59
CA LEU B 220 0.14 7.33 -18.64
C LEU B 220 -0.44 7.10 -20.02
N ASP B 221 -0.89 8.17 -20.67
CA ASP B 221 -1.51 8.03 -21.99
C ASP B 221 -0.50 7.57 -23.02
N GLU B 222 0.73 8.06 -22.95
CA GLU B 222 1.75 7.60 -23.87
C GLU B 222 2.04 6.12 -23.65
N ILE B 223 2.06 5.69 -22.39
CA ILE B 223 2.31 4.27 -22.11
C ILE B 223 1.17 3.43 -22.67
N ARG B 224 -0.07 3.83 -22.40
CA ARG B 224 -1.19 3.09 -22.95
C ARG B 224 -1.12 3.06 -24.47
N ALA B 225 -0.83 4.20 -25.08
CA ALA B 225 -0.67 4.28 -26.53
C ALA B 225 0.37 3.30 -27.03
N ALA B 226 1.56 3.30 -26.42
CA ALA B 226 2.62 2.41 -26.86
C ALA B 226 2.21 0.95 -26.72
N ILE B 227 1.64 0.58 -25.56
CA ILE B 227 1.23 -0.81 -25.33
C ILE B 227 0.26 -1.28 -26.41
N GLU B 228 -0.74 -0.45 -26.73
CA GLU B 228 -1.68 -0.84 -27.76
C GLU B 228 -1.02 -0.87 -29.13
N ARG B 229 -0.24 0.16 -29.44
CA ARG B 229 0.47 0.20 -30.71
C ARG B 229 1.33 -1.05 -30.91
N TYR B 230 2.10 -1.41 -29.89
CA TYR B 230 2.98 -2.56 -30.02
C TYR B 230 2.18 -3.86 -30.07
N ALA B 231 1.18 -4.00 -29.19
CA ALA B 231 0.38 -5.21 -29.17
C ALA B 231 -0.33 -5.45 -30.50
N SER B 232 -0.70 -4.37 -31.20
CA SER B 232 -1.39 -4.53 -32.47
C SER B 232 -0.55 -5.34 -33.46
N LEU B 233 0.76 -5.44 -33.24
CA LEU B 233 1.62 -6.26 -34.08
C LEU B 233 1.52 -7.74 -33.76
N GLY B 234 0.77 -8.13 -32.73
CA GLY B 234 0.67 -9.53 -32.39
C GLY B 234 1.88 -10.13 -31.71
N VAL B 235 2.82 -9.29 -31.26
CA VAL B 235 4.00 -9.73 -30.53
C VAL B 235 3.66 -9.82 -29.05
N VAL B 236 4.43 -10.58 -28.31
CA VAL B 236 4.35 -10.57 -26.86
C VAL B 236 5.10 -9.35 -26.35
N LEU B 237 4.69 -8.82 -25.20
CA LEU B 237 5.28 -7.62 -24.61
C LEU B 237 5.94 -7.95 -23.28
N HIS B 238 7.20 -7.54 -23.13
CA HIS B 238 7.92 -7.60 -21.87
C HIS B 238 8.34 -6.18 -21.46
N ILE B 239 8.07 -5.81 -20.22
CA ILE B 239 8.75 -4.67 -19.60
C ILE B 239 10.08 -5.20 -19.07
N THR B 240 11.20 -4.69 -19.59
CA THR B 240 12.47 -5.37 -19.40
C THR B 240 13.43 -4.72 -18.42
N GLY B 241 13.31 -3.43 -18.16
CA GLY B 241 14.23 -2.82 -17.22
C GLY B 241 13.63 -1.69 -16.41
N LEU B 242 12.45 -1.93 -15.85
CA LEU B 242 11.68 -0.87 -15.25
C LEU B 242 12.42 -0.26 -14.06
N ASP B 243 12.54 1.07 -14.07
CA ASP B 243 12.83 1.83 -12.87
C ASP B 243 12.16 3.19 -13.00
N VAL B 244 11.91 3.83 -11.86
CA VAL B 244 11.25 5.13 -11.80
C VAL B 244 12.22 6.09 -11.11
N SER B 245 12.93 6.89 -11.90
CA SER B 245 13.95 7.78 -11.37
C SER B 245 13.33 8.93 -10.57
N MET B 246 13.95 9.24 -9.43
CA MET B 246 13.55 10.42 -8.67
C MET B 246 13.90 11.73 -9.39
N PHE B 247 14.70 11.69 -10.45
CA PHE B 247 15.08 12.88 -11.19
C PHE B 247 14.58 12.77 -12.62
N GLU B 248 14.05 13.87 -13.14
CA GLU B 248 13.81 13.93 -14.58
C GLU B 248 15.16 13.87 -15.30
N PHE B 249 15.14 13.37 -16.54
CA PHE B 249 16.39 12.97 -17.17
C PHE B 249 17.36 14.14 -17.29
N HIS B 250 16.85 15.34 -17.60
CA HIS B 250 17.68 16.53 -17.72
C HIS B 250 18.08 17.14 -16.38
N ASP B 251 17.56 16.64 -15.26
CA ASP B 251 17.89 17.16 -13.94
C ASP B 251 19.17 16.50 -13.42
N ARG B 252 20.28 17.25 -13.41
CA ARG B 252 21.56 16.72 -12.95
C ARG B 252 21.94 17.20 -11.54
N ARG B 253 20.98 17.64 -10.74
CA ARG B 253 21.29 18.09 -9.39
C ARG B 253 21.94 16.97 -8.58
N THR B 254 22.90 17.35 -7.74
CA THR B 254 23.67 16.40 -6.93
C THR B 254 23.58 16.69 -5.45
N ASP B 255 22.64 17.54 -5.02
CA ASP B 255 22.59 18.03 -3.65
C ASP B 255 21.79 17.13 -2.70
N LEU B 256 21.14 16.08 -3.20
CA LEU B 256 20.20 15.32 -2.37
C LEU B 256 20.90 14.11 -1.77
N ALA B 257 20.96 14.05 -0.44
CA ALA B 257 21.47 12.87 0.23
C ALA B 257 20.40 11.80 0.45
N ALA B 258 19.13 12.16 0.31
CA ALA B 258 18.01 11.27 0.53
C ALA B 258 16.86 11.80 -0.31
N PRO B 259 15.92 10.94 -0.73
CA PRO B 259 14.74 11.45 -1.42
C PRO B 259 13.89 12.25 -0.45
N THR B 260 13.22 13.27 -0.97
CA THR B 260 12.26 14.04 -0.19
C THR B 260 10.98 13.24 -0.03
N SER B 261 10.18 13.63 0.96
CA SER B 261 8.90 12.92 1.13
C SER B 261 8.01 13.16 -0.08
N GLU B 262 8.16 14.31 -0.74
CA GLU B 262 7.37 14.54 -1.96
C GLU B 262 7.80 13.59 -3.07
N MET B 263 9.12 13.33 -3.17
CA MET B 263 9.63 12.32 -4.09
C MET B 263 9.04 10.94 -3.79
N ILE B 264 9.17 10.50 -2.54
CA ILE B 264 8.67 9.20 -2.11
C ILE B 264 7.19 9.05 -2.44
N GLU B 265 6.40 10.08 -2.14
CA GLU B 265 4.95 9.96 -2.29
C GLU B 265 4.54 9.94 -3.74
N ARG B 266 5.17 10.76 -4.57
CA ARG B 266 4.79 10.76 -5.97
C ARG B 266 5.37 9.55 -6.69
N GLN B 267 6.51 9.03 -6.21
CA GLN B 267 6.97 7.75 -6.73
C GLN B 267 5.95 6.67 -6.45
N ALA B 268 5.38 6.68 -5.24
CA ALA B 268 4.39 5.67 -4.87
C ALA B 268 3.16 5.76 -5.76
N GLU B 269 2.65 6.97 -5.97
CA GLU B 269 1.51 7.12 -6.87
C GLU B 269 1.85 6.66 -8.29
N ARG B 270 3.04 7.04 -8.76
CA ARG B 270 3.48 6.67 -10.10
C ARG B 270 3.54 5.15 -10.28
N TYR B 271 4.17 4.46 -9.35
CA TYR B 271 4.26 3.01 -9.44
C TYR B 271 2.88 2.37 -9.33
N GLY B 272 2.02 2.91 -8.46
CA GLY B 272 0.65 2.43 -8.41
C GLY B 272 -0.05 2.59 -9.74
N GLN B 273 0.06 3.79 -10.34
CA GLN B 273 -0.58 4.01 -11.64
C GLN B 273 -0.02 3.07 -12.69
N ILE B 274 1.29 2.81 -12.64
CA ILE B 274 1.97 2.04 -13.67
C ILE B 274 1.54 0.59 -13.61
N PHE B 275 1.48 0.03 -12.40
CA PHE B 275 1.09 -1.37 -12.30
C PHE B 275 -0.40 -1.57 -12.52
N ALA B 276 -1.21 -0.57 -12.22
CA ALA B 276 -2.62 -0.66 -12.56
C ALA B 276 -2.79 -0.72 -14.07
N LEU B 277 -1.98 0.06 -14.80
CA LEU B 277 -2.08 0.04 -16.25
C LEU B 277 -1.53 -1.26 -16.83
N PHE B 278 -0.43 -1.78 -16.28
CA PHE B 278 0.08 -3.08 -16.73
C PHE B 278 -0.96 -4.17 -16.51
N LYS B 279 -1.57 -4.20 -15.32
CA LYS B 279 -2.60 -5.17 -15.00
C LYS B 279 -3.74 -5.08 -16.00
N GLU B 280 -4.12 -3.87 -16.36
CA GLU B 280 -5.13 -3.67 -17.38
C GLU B 280 -4.76 -4.37 -18.69
N TYR B 281 -3.47 -4.44 -19.01
CA TYR B 281 -3.02 -5.04 -20.26
C TYR B 281 -2.35 -6.40 -20.05
N ARG B 282 -2.78 -7.14 -19.02
CA ARG B 282 -2.23 -8.45 -18.70
C ARG B 282 -2.29 -9.44 -19.88
N ASP B 283 -3.21 -9.24 -20.82
CA ASP B 283 -3.32 -10.16 -21.95
C ASP B 283 -2.18 -10.03 -22.93
N VAL B 284 -1.54 -8.86 -23.02
CA VAL B 284 -0.40 -8.69 -23.91
C VAL B 284 0.92 -8.60 -23.16
N ILE B 285 0.91 -8.23 -21.88
CA ILE B 285 2.14 -8.12 -21.10
C ILE B 285 2.35 -9.45 -20.39
N GLN B 286 3.47 -10.10 -20.67
CA GLN B 286 3.77 -11.38 -20.04
C GLN B 286 4.82 -11.29 -18.95
N SER B 287 5.60 -10.21 -18.89
CA SER B 287 6.68 -10.16 -17.93
C SER B 287 7.06 -8.71 -17.64
N VAL B 288 7.26 -8.41 -16.36
CA VAL B 288 7.70 -7.11 -15.90
C VAL B 288 8.97 -7.33 -15.09
N THR B 289 10.10 -6.86 -15.62
CA THR B 289 11.39 -6.95 -14.95
C THR B 289 11.84 -5.55 -14.57
N PHE B 290 12.28 -5.41 -13.31
CA PHE B 290 12.98 -4.22 -12.83
C PHE B 290 14.46 -4.32 -13.17
N TRP B 291 15.09 -3.16 -13.40
CA TRP B 291 16.54 -3.12 -13.61
C TRP B 291 17.28 -3.03 -12.28
N GLY B 292 17.05 -4.06 -11.47
CA GLY B 292 17.49 -4.15 -10.11
C GLY B 292 16.36 -4.72 -9.29
N ILE B 293 16.44 -4.58 -7.97
CA ILE B 293 15.27 -4.91 -7.16
C ILE B 293 15.17 -3.98 -5.96
N ALA B 294 16.30 -3.49 -5.46
CA ALA B 294 16.30 -2.65 -4.27
C ALA B 294 17.26 -1.50 -4.47
N ASP B 295 17.06 -0.43 -3.69
CA ASP B 295 17.79 0.80 -3.92
C ASP B 295 19.24 0.73 -3.46
N ASP B 296 19.71 -0.38 -2.88
CA ASP B 296 21.14 -0.46 -2.60
C ASP B 296 21.97 -0.78 -3.84
N HIS B 297 21.35 -1.11 -4.98
CA HIS B 297 22.10 -1.30 -6.21
CA HIS B 297 22.11 -1.27 -6.21
C HIS B 297 21.24 -0.88 -7.39
N THR B 298 21.65 0.18 -8.09
CA THR B 298 20.94 0.64 -9.26
C THR B 298 21.90 1.39 -10.17
N TRP B 299 21.86 1.07 -11.46
CA TRP B 299 22.71 1.78 -12.40
C TRP B 299 22.40 3.27 -12.46
N LEU B 300 21.24 3.70 -11.93
CA LEU B 300 20.95 5.13 -11.92
C LEU B 300 21.77 5.88 -10.89
N ASP B 301 22.45 5.18 -9.99
CA ASP B 301 23.40 5.81 -9.08
C ASP B 301 24.56 6.46 -9.82
N ASN B 302 24.79 6.09 -11.08
CA ASN B 302 25.90 6.64 -11.85
C ASN B 302 25.50 7.13 -13.22
N PHE B 303 24.22 7.09 -13.56
CA PHE B 303 23.80 7.52 -14.85
C PHE B 303 22.47 8.23 -14.63
N PRO B 304 22.26 9.40 -15.22
CA PRO B 304 23.21 10.13 -16.05
C PRO B 304 24.23 10.98 -15.30
N VAL B 305 24.30 10.89 -13.98
CA VAL B 305 25.28 11.64 -13.20
C VAL B 305 26.09 10.67 -12.35
N HIS B 306 27.41 10.78 -12.44
CA HIS B 306 28.29 9.87 -11.73
C HIS B 306 28.26 10.17 -10.24
N GLY B 307 28.13 9.12 -9.43
CA GLY B 307 28.14 9.32 -7.99
C GLY B 307 26.97 10.06 -7.39
N ARG B 308 25.82 10.11 -8.06
CA ARG B 308 24.62 10.73 -7.51
C ARG B 308 23.62 9.63 -7.16
N LYS B 309 23.32 9.48 -5.87
CA LYS B 309 22.41 8.43 -5.43
C LYS B 309 21.00 8.67 -5.99
N ASN B 310 20.37 7.59 -6.41
CA ASN B 310 18.99 7.61 -6.85
C ASN B 310 18.24 6.55 -6.04
N TRP B 311 16.92 6.63 -6.03
CA TRP B 311 16.09 5.69 -5.26
C TRP B 311 14.91 5.22 -6.10
N PRO B 312 15.17 4.38 -7.11
CA PRO B 312 14.20 4.15 -8.18
C PRO B 312 13.32 2.90 -8.06
N LEU B 313 13.52 2.06 -7.05
CA LEU B 313 12.92 0.73 -7.00
C LEU B 313 11.90 0.62 -5.86
N LEU B 314 11.30 -0.58 -5.76
CA LEU B 314 10.23 -0.82 -4.79
C LEU B 314 10.76 -1.02 -3.37
N PHE B 315 12.01 -1.41 -3.21
CA PHE B 315 12.59 -1.67 -1.91
C PHE B 315 13.73 -0.69 -1.65
N ASP B 316 13.89 -0.30 -0.39
CA ASP B 316 14.89 0.69 -0.05
C ASP B 316 16.23 0.01 0.17
N GLU B 317 17.25 0.79 0.56
CA GLU B 317 18.61 0.26 0.70
C GLU B 317 18.73 -0.76 1.82
N GLN B 318 17.77 -0.81 2.73
CA GLN B 318 17.73 -1.82 3.78
C GLN B 318 16.85 -2.99 3.40
N HIS B 319 16.45 -3.06 2.12
CA HIS B 319 15.59 -4.12 1.58
C HIS B 319 14.20 -4.11 2.19
N LYS B 320 13.79 -3.01 2.73
CA LYS B 320 12.46 -2.81 3.27
C LYS B 320 11.54 -2.23 2.20
N PRO B 321 10.24 -2.50 2.28
CA PRO B 321 9.33 -1.99 1.25
C PRO B 321 9.08 -0.49 1.40
N LYS B 322 9.12 0.19 0.28
CA LYS B 322 8.82 1.62 0.21
C LYS B 322 7.34 1.81 -0.07
N PRO B 323 6.83 3.02 0.12
CA PRO B 323 5.44 3.29 -0.29
C PRO B 323 5.15 2.83 -1.71
N ALA B 324 6.12 2.93 -2.62
CA ALA B 324 5.93 2.41 -3.98
C ALA B 324 5.57 0.92 -3.97
N PHE B 325 6.23 0.14 -3.11
CA PHE B 325 5.89 -1.28 -3.00
C PHE B 325 4.42 -1.47 -2.66
N TRP B 326 3.94 -0.76 -1.63
CA TRP B 326 2.57 -0.96 -1.16
C TRP B 326 1.55 -0.46 -2.19
N ARG B 327 1.83 0.67 -2.86
CA ARG B 327 0.90 1.10 -3.89
C ARG B 327 0.91 0.17 -5.10
N ALA B 328 2.07 -0.43 -5.43
CA ALA B 328 2.12 -1.32 -6.59
C ALA B 328 1.30 -2.57 -6.37
N VAL B 329 1.40 -3.18 -5.17
CA VAL B 329 0.66 -4.43 -4.91
C VAL B 329 -0.80 -4.18 -4.56
N SER B 330 -1.20 -2.92 -4.38
CA SER B 330 -2.57 -2.59 -4.02
C SER B 330 -3.51 -2.60 -5.21
N VAL B 331 -2.99 -2.67 -6.44
CA VAL B 331 -3.81 -2.57 -7.63
C VAL B 331 -4.60 -3.84 -7.92
C1 A1ID6 C . 19.27 -0.62 -20.89
C2 A1ID6 C . 20.24 -1.64 -21.51
C3 A1ID6 C . 20.94 -2.38 -20.38
C4 A1ID6 C . 21.71 -1.33 -19.61
C5 A1ID6 C . 20.70 -0.36 -19.02
O2 A1ID6 C . 19.52 -2.55 -22.32
O3 A1ID6 C . 21.82 -3.39 -20.86
O4 A1ID6 C . 22.40 -1.95 -18.56
O5 A1ID6 C . 19.99 0.31 -20.08
F1 A1ID6 C . 18.31 -1.26 -20.14
C1 XYP C . 23.43 -1.10 -18.07
C2 XYP C . 23.94 -1.71 -16.78
C3 XYP C . 25.25 -1.08 -16.32
C4 XYP C . 26.27 -1.04 -17.47
C5 XYP C . 25.67 -0.36 -18.69
O2 XYP C . 22.93 -1.56 -15.78
O3 XYP C . 25.74 -1.82 -15.19
O4 XYP C . 27.43 -0.30 -17.09
O5 XYP C . 24.45 -1.01 -19.07
C1 A1ID6 D . -6.94 -7.39 32.81
C2 A1ID6 D . -7.73 -6.15 33.24
C3 A1ID6 D . -8.00 -5.08 32.16
C4 A1ID6 D . -7.04 -5.09 30.96
C5 A1ID6 D . -6.73 -6.54 30.61
O2 A1ID6 D . -8.98 -6.57 33.83
O3 A1ID6 D . -7.95 -3.78 32.78
O4 A1ID6 D . -7.57 -4.44 29.77
O5 A1ID6 D . -6.06 -7.14 31.71
F1 A1ID6 D . -7.78 -8.45 32.54
C1 XYP D . -7.48 -3.00 29.73
C2 XYP D . -7.44 -2.49 28.28
C3 XYP D . -7.59 -0.96 28.19
C4 XYP D . -8.79 -0.52 29.02
C5 XYP D . -8.63 -0.99 30.46
O2 XYP D . -6.21 -2.88 27.62
O3 XYP D . -7.76 -0.48 26.84
O4 XYP D . -8.88 0.89 29.00
O5 XYP D . -8.58 -2.43 30.45
C1 XYP D . -10.21 1.38 28.83
C2 XYP D . -10.38 2.57 29.77
C3 XYP D . -11.55 3.50 29.41
C4 XYP D . -11.56 3.72 27.90
C5 XYP D . -11.66 2.37 27.23
O2 XYP D . -10.54 2.06 31.11
O3 XYP D . -11.42 4.77 30.08
O4 XYP D . -12.63 4.62 27.54
O5 XYP D . -10.43 1.68 27.45
C1 XYP D . -12.98 4.67 26.13
C2 XYP D . -14.17 5.61 25.92
C3 XYP D . -13.76 6.98 25.39
C4 XYP D . -12.42 7.36 26.02
C5 XYP D . -11.34 6.37 25.64
O2 XYP D . -15.10 5.03 25.00
O3 XYP D . -14.74 7.93 25.78
O4 XYP D . -12.06 8.68 25.64
O5 XYP D . -11.90 5.10 25.30
C1 XYP D . -11.11 9.18 26.59
C2 XYP D . -10.61 10.52 26.11
C3 XYP D . -9.77 11.18 27.20
C4 XYP D . -10.76 11.25 28.36
C5 XYP D . -11.04 9.88 28.91
O2 XYP D . -9.86 10.37 24.90
O3 XYP D . -9.39 12.47 26.73
O4 XYP D . -10.56 12.21 29.38
O5 XYP D . -11.78 9.25 27.86
C1 XYP D . -9.26 12.49 29.85
C2 XYP D . -9.51 13.77 30.65
C3 XYP D . -8.80 13.79 32.00
C4 XYP D . -8.99 12.49 32.79
C5 XYP D . -9.49 11.35 31.91
O2 XYP D . -9.16 14.92 29.85
O3 XYP D . -9.33 14.85 32.80
O4 XYP D . -7.73 12.11 33.36
O5 XYP D . -8.81 11.41 30.65
#